data_2IIP
#
_entry.id   2IIP
#
_cell.length_a   46.016
_cell.length_b   62.007
_cell.length_c   107.073
_cell.angle_alpha   82.35
_cell.angle_beta   81.89
_cell.angle_gamma   68.30
#
_symmetry.space_group_name_H-M   'P 1'
#
loop_
_entity.id
_entity.type
_entity.pdbx_description
1 polymer 'Nicotinamide N-methyltransferase'
2 non-polymer S-ADENOSYL-L-HOMOCYSTEINE
3 water water
#
_entity_poly.entity_id   1
_entity_poly.type   'polypeptide(L)'
_entity_poly.pdbx_seq_one_letter_code
;MGSSHHHHHHSSGLVPRGSMESGFTSKDTYLSHFNPRDYLEKYYKFGSRHSAESQILKHLLKNLFKIFCLDGVKGDLLID
IGSGPTIYQLLSACESFKEIVVTDYSDQNLQELEKWLKAAPAAFDWSPVVTYVCDLEGNRVKGPEKEEKLRQAVKQVLKC
DVTQSQPLGAVPLPPADCVLSTLCLDAACPDLPTYCRALRNLGSLLKPGGFLVIMDALKSSYYMIGEQKFSSLPLGREAV
EAAVKEAGYTIEWFEVISQSYSSTMANNEGLFSLVARKLSRPL
;
_entity_poly.pdbx_strand_id   A,B,C,D
#
# COMPACT_ATOMS: atom_id res chain seq x y z
N HIS A 10 12.78 -8.97 2.87
CA HIS A 10 14.00 -8.69 2.05
C HIS A 10 14.31 -9.76 0.99
N SER A 11 13.27 -10.44 0.49
CA SER A 11 13.39 -11.20 -0.75
C SER A 11 12.65 -10.43 -1.82
N SER A 12 12.06 -9.31 -1.41
CA SER A 12 11.45 -8.38 -2.33
C SER A 12 10.47 -9.04 -3.33
N GLY A 13 9.53 -9.83 -2.82
CA GLY A 13 8.43 -10.40 -3.64
C GLY A 13 8.71 -11.73 -4.31
N LEU A 14 10.00 -12.04 -4.47
CA LEU A 14 10.46 -13.24 -5.14
C LEU A 14 9.81 -14.44 -4.53
N VAL A 15 9.68 -14.34 -3.20
CA VAL A 15 9.26 -15.41 -2.38
C VAL A 15 8.48 -14.70 -1.26
N PRO A 16 7.42 -15.34 -0.72
CA PRO A 16 6.72 -14.75 0.42
C PRO A 16 7.67 -14.32 1.52
N ARG A 17 7.27 -13.29 2.26
CA ARG A 17 8.10 -12.75 3.31
C ARG A 17 8.31 -13.84 4.34
N GLY A 18 9.53 -13.95 4.84
CA GLY A 18 9.88 -14.86 5.88
C GLY A 18 9.96 -16.30 5.41
N SER A 19 10.05 -16.53 4.10
CA SER A 19 9.97 -17.90 3.63
C SER A 19 11.31 -18.33 3.03
N MET A 20 12.28 -17.42 2.99
CA MET A 20 13.46 -17.72 2.17
C MET A 20 14.14 -19.03 2.57
N GLU A 21 14.32 -19.22 3.88
CA GLU A 21 14.98 -20.40 4.36
C GLU A 21 14.09 -21.65 4.32
N SER A 22 12.91 -21.57 4.94
CA SER A 22 12.05 -22.76 5.18
C SER A 22 11.13 -23.12 4.04
N GLY A 23 10.83 -22.14 3.17
CA GLY A 23 9.86 -22.34 2.11
C GLY A 23 8.43 -21.88 2.40
N PHE A 24 8.12 -21.62 3.68
CA PHE A 24 6.85 -21.04 4.06
C PHE A 24 7.13 -19.87 5.00
N THR A 25 6.28 -18.84 4.94
CA THR A 25 6.34 -17.69 5.84
C THR A 25 6.38 -18.15 7.29
N SER A 26 7.36 -17.63 8.03
CA SER A 26 7.64 -18.07 9.40
C SER A 26 6.67 -17.39 10.35
N LYS A 27 6.41 -18.01 11.51
CA LYS A 27 5.38 -17.42 12.34
C LYS A 27 5.76 -16.09 12.92
N ASP A 28 7.05 -15.88 13.15
CA ASP A 28 7.49 -14.57 13.61
C ASP A 28 7.12 -13.44 12.63
N THR A 29 6.84 -13.78 11.35
CA THR A 29 6.43 -12.81 10.32
C THR A 29 5.07 -12.22 10.57
N TYR A 30 4.19 -13.03 11.19
CA TYR A 30 2.87 -12.58 11.59
C TYR A 30 2.84 -11.66 12.79
N LEU A 31 3.96 -11.56 13.50
CA LEU A 31 4.15 -10.57 14.59
C LEU A 31 4.84 -9.31 14.10
N SER A 32 5.82 -9.46 13.23
CA SER A 32 6.43 -8.35 12.49
C SER A 32 5.57 -7.65 11.45
N HIS A 33 5.21 -8.35 10.38
CA HIS A 33 4.79 -7.68 9.12
C HIS A 33 3.30 -7.75 8.73
N PHE A 34 2.53 -8.52 9.49
CA PHE A 34 1.11 -8.52 9.35
C PHE A 34 0.53 -7.25 10.00
N ASN A 35 0.20 -6.25 9.17
CA ASN A 35 -0.41 -5.03 9.62
C ASN A 35 -1.94 -5.16 9.55
N PRO A 36 -2.61 -5.30 10.70
CA PRO A 36 -4.03 -5.50 10.60
C PRO A 36 -4.81 -4.45 9.80
N ARG A 37 -4.42 -3.17 9.91
CA ARG A 37 -5.17 -2.07 9.26
C ARG A 37 -5.11 -2.18 7.75
N ASP A 38 -3.91 -2.35 7.23
CA ASP A 38 -3.74 -2.68 5.83
C ASP A 38 -4.51 -3.95 5.43
N TYR A 39 -4.45 -4.98 6.27
CA TYR A 39 -5.11 -6.23 5.99
C TYR A 39 -6.59 -5.94 5.79
N LEU A 40 -7.15 -5.14 6.71
CA LEU A 40 -8.59 -4.79 6.69
C LEU A 40 -8.90 -3.87 5.51
N GLU A 41 -8.00 -2.92 5.28
CA GLU A 41 -8.23 -1.96 4.21
C GLU A 41 -8.33 -2.70 2.89
N LYS A 42 -7.49 -3.71 2.74
CA LYS A 42 -7.40 -4.47 1.54
C LYS A 42 -8.53 -5.45 1.23
N TYR A 43 -8.98 -6.21 2.23
CA TYR A 43 -9.89 -7.28 1.98
C TYR A 43 -11.34 -7.05 2.36
N TYR A 44 -11.58 -6.10 3.27
CA TYR A 44 -12.80 -6.00 4.07
C TYR A 44 -13.43 -4.61 4.09
N LYS A 45 -12.91 -3.71 3.26
CA LYS A 45 -13.54 -2.43 3.10
C LYS A 45 -15.02 -2.58 2.66
N SER A 51 -15.86 -5.37 -6.42
CA SER A 51 -14.56 -6.04 -6.53
C SER A 51 -14.59 -7.55 -6.28
N ALA A 52 -13.53 -8.24 -6.70
CA ALA A 52 -13.36 -9.67 -6.42
C ALA A 52 -13.32 -9.92 -4.92
N GLU A 53 -12.75 -9.00 -4.16
CA GLU A 53 -12.64 -9.17 -2.72
C GLU A 53 -13.97 -9.07 -2.00
N SER A 54 -14.86 -8.18 -2.46
CA SER A 54 -16.15 -8.00 -1.80
C SER A 54 -17.12 -9.12 -2.19
N GLN A 55 -16.94 -9.63 -3.42
CA GLN A 55 -17.67 -10.79 -3.88
C GLN A 55 -17.42 -12.04 -3.02
N ILE A 56 -16.16 -12.26 -2.67
CA ILE A 56 -15.71 -13.34 -1.81
C ILE A 56 -16.27 -13.14 -0.40
N LEU A 57 -16.21 -11.90 0.06
CA LEU A 57 -16.76 -11.56 1.35
C LEU A 57 -18.25 -11.87 1.43
N LYS A 58 -18.97 -11.53 0.38
CA LYS A 58 -20.42 -11.82 0.27
C LYS A 58 -20.70 -13.29 0.32
N HIS A 59 -19.91 -14.04 -0.41
CA HIS A 59 -20.02 -15.45 -0.45
C HIS A 59 -19.68 -16.05 0.91
N LEU A 60 -18.64 -15.56 1.58
CA LEU A 60 -18.36 -16.08 2.95
C LEU A 60 -19.56 -15.80 3.89
N LEU A 61 -20.03 -14.55 3.92
CA LEU A 61 -21.20 -14.11 4.70
C LEU A 61 -22.48 -14.92 4.47
N LYS A 62 -22.79 -15.18 3.21
CA LYS A 62 -23.92 -16.03 2.86
C LYS A 62 -23.68 -17.46 3.28
N ASN A 63 -22.46 -17.97 3.12
CA ASN A 63 -22.16 -19.32 3.61
C ASN A 63 -22.26 -19.40 5.11
N LEU A 64 -21.68 -18.43 5.81
CA LEU A 64 -21.80 -18.42 7.30
C LEU A 64 -23.24 -18.29 7.81
N PHE A 65 -24.01 -17.44 7.17
CA PHE A 65 -25.46 -17.32 7.43
C PHE A 65 -26.17 -18.66 7.32
N LYS A 66 -25.88 -19.37 6.25
CA LYS A 66 -26.53 -20.63 5.97
C LYS A 66 -26.16 -21.72 6.99
N ILE A 67 -24.87 -21.83 7.28
CA ILE A 67 -24.37 -22.78 8.27
C ILE A 67 -25.03 -22.56 9.60
N PHE A 68 -25.00 -21.31 10.06
CA PHE A 68 -25.35 -20.97 11.46
C PHE A 68 -26.83 -20.67 11.63
N CYS A 69 -27.44 -20.14 10.60
CA CYS A 69 -28.82 -19.68 10.73
C CYS A 69 -29.86 -20.62 10.08
N LEU A 70 -29.47 -21.28 8.97
CA LEU A 70 -30.34 -22.20 8.19
C LEU A 70 -30.13 -23.70 8.48
N ASP A 71 -28.87 -24.10 8.54
CA ASP A 71 -28.49 -25.43 9.00
C ASP A 71 -28.49 -25.44 10.55
N GLY A 72 -28.14 -26.54 11.19
CA GLY A 72 -28.31 -26.55 12.66
C GLY A 72 -27.02 -26.42 13.42
N VAL A 73 -26.13 -25.52 12.99
CA VAL A 73 -24.83 -25.44 13.63
C VAL A 73 -25.02 -24.46 14.76
N LYS A 74 -25.05 -25.00 15.97
CA LYS A 74 -25.63 -24.31 17.10
C LYS A 74 -24.91 -24.83 18.32
N GLY A 75 -24.98 -24.07 19.41
CA GLY A 75 -24.51 -24.56 20.69
C GLY A 75 -24.17 -23.52 21.71
N ASP A 76 -23.30 -23.89 22.64
CA ASP A 76 -23.01 -23.01 23.72
C ASP A 76 -21.80 -22.15 23.38
N LEU A 77 -20.73 -22.79 23.00
CA LEU A 77 -19.47 -22.10 22.82
C LEU A 77 -19.00 -22.38 21.42
N LEU A 78 -18.58 -21.31 20.73
CA LEU A 78 -17.80 -21.36 19.49
C LEU A 78 -16.41 -20.68 19.67
N ILE A 79 -15.35 -21.35 19.22
CA ILE A 79 -13.99 -20.76 19.23
C ILE A 79 -13.66 -20.53 17.79
N ASP A 80 -13.39 -19.26 17.48
CA ASP A 80 -12.88 -18.81 16.19
C ASP A 80 -11.33 -18.87 16.17
N ILE A 81 -10.81 -19.69 15.30
CA ILE A 81 -9.41 -19.93 15.31
C ILE A 81 -8.77 -19.10 14.19
N GLY A 82 -7.78 -18.29 14.54
CA GLY A 82 -7.11 -17.41 13.60
C GLY A 82 -8.04 -16.31 13.11
N SER A 83 -8.68 -15.60 14.04
CA SER A 83 -9.69 -14.58 13.73
C SER A 83 -9.09 -13.38 12.98
N GLY A 84 -7.78 -13.22 13.02
CA GLY A 84 -7.16 -12.02 12.44
C GLY A 84 -7.68 -10.81 13.17
N PRO A 85 -7.76 -9.65 12.48
CA PRO A 85 -8.43 -8.47 12.97
C PRO A 85 -9.92 -8.43 12.61
N THR A 86 -10.51 -9.58 12.23
CA THR A 86 -11.80 -9.55 11.58
C THR A 86 -12.87 -10.18 12.47
N ILE A 87 -14.07 -9.63 12.32
CA ILE A 87 -15.27 -10.08 13.03
C ILE A 87 -16.42 -10.45 12.07
N TYR A 88 -16.30 -10.19 10.77
CA TYR A 88 -17.38 -10.61 9.82
C TYR A 88 -17.74 -12.13 9.91
N GLN A 89 -16.75 -13.00 10.14
CA GLN A 89 -17.01 -14.43 10.38
C GLN A 89 -17.87 -14.80 11.57
N LEU A 90 -18.20 -13.81 12.41
CA LEU A 90 -18.82 -14.10 13.70
C LEU A 90 -20.24 -13.61 13.78
N LEU A 91 -20.69 -12.89 12.74
CA LEU A 91 -21.93 -12.15 12.77
C LEU A 91 -23.15 -13.01 12.78
N SER A 92 -23.26 -13.97 11.86
CA SER A 92 -24.34 -14.97 11.94
C SER A 92 -24.14 -15.98 13.09
N ALA A 93 -22.88 -16.28 13.43
CA ALA A 93 -22.56 -17.22 14.53
C ALA A 93 -23.17 -16.89 15.90
N CYS A 94 -23.23 -15.60 16.22
CA CYS A 94 -23.76 -15.09 17.47
C CYS A 94 -25.27 -15.23 17.55
N GLU A 95 -25.91 -15.51 16.41
CA GLU A 95 -27.33 -15.82 16.42
C GLU A 95 -27.51 -17.24 16.94
N SER A 96 -26.44 -18.04 16.81
CA SER A 96 -26.54 -19.45 17.06
C SER A 96 -25.70 -19.96 18.25
N PHE A 97 -24.76 -19.15 18.74
CA PHE A 97 -23.86 -19.58 19.81
C PHE A 97 -23.92 -18.60 20.98
N LYS A 98 -24.08 -19.14 22.20
CA LYS A 98 -24.17 -18.33 23.35
C LYS A 98 -22.90 -17.48 23.52
N GLU A 99 -21.73 -18.10 23.36
CA GLU A 99 -20.45 -17.45 23.67
C GLU A 99 -19.45 -17.67 22.53
N ILE A 100 -18.62 -16.69 22.28
CA ILE A 100 -17.65 -16.78 21.21
C ILE A 100 -16.31 -16.45 21.81
N VAL A 101 -15.29 -17.23 21.45
CA VAL A 101 -13.89 -16.89 21.78
C VAL A 101 -13.17 -16.67 20.43
N VAL A 102 -12.50 -15.53 20.30
CA VAL A 102 -11.72 -15.19 19.13
C VAL A 102 -10.29 -15.29 19.54
N THR A 103 -9.47 -15.76 18.60
CA THR A 103 -8.11 -16.18 18.86
C THR A 103 -7.26 -15.83 17.65
N ASP A 104 -5.97 -15.65 17.88
CA ASP A 104 -5.08 -15.41 16.74
C ASP A 104 -3.70 -15.41 17.26
N TYR A 105 -2.79 -15.77 16.39
CA TYR A 105 -1.41 -15.84 16.76
C TYR A 105 -0.76 -14.45 16.89
N SER A 106 -1.25 -13.49 16.12
CA SER A 106 -0.67 -12.15 16.06
C SER A 106 -1.22 -11.19 17.07
N ASP A 107 -0.34 -10.55 17.84
CA ASP A 107 -0.79 -9.67 18.96
C ASP A 107 -1.45 -8.39 18.49
N GLN A 108 -0.95 -7.90 17.38
CA GLN A 108 -1.46 -6.71 16.79
C GLN A 108 -2.87 -6.97 16.27
N ASN A 109 -3.11 -8.19 15.78
CA ASN A 109 -4.51 -8.55 15.42
C ASN A 109 -5.46 -8.60 16.62
N LEU A 110 -4.99 -9.18 17.72
CA LEU A 110 -5.82 -9.26 18.94
C LEU A 110 -6.14 -7.86 19.47
N GLN A 111 -5.12 -7.00 19.45
CA GLN A 111 -5.28 -5.57 19.81
C GLN A 111 -6.32 -4.87 18.98
N GLU A 112 -6.38 -5.20 17.70
CA GLU A 112 -7.37 -4.60 16.73
C GLU A 112 -8.78 -5.11 17.05
N LEU A 113 -8.85 -6.40 17.39
CA LEU A 113 -10.07 -6.99 17.88
C LEU A 113 -10.53 -6.37 19.16
N GLU A 114 -9.64 -6.23 20.13
CA GLU A 114 -10.03 -5.54 21.34
C GLU A 114 -10.44 -4.09 21.07
N LYS A 115 -9.79 -3.38 20.11
CA LYS A 115 -10.25 -2.03 19.76
C LYS A 115 -11.71 -2.10 19.34
N TRP A 116 -12.01 -3.10 18.53
CA TRP A 116 -13.34 -3.25 18.01
C TRP A 116 -14.32 -3.58 19.10
N LEU A 117 -13.96 -4.56 19.96
CA LEU A 117 -14.85 -4.94 21.07
C LEU A 117 -15.19 -3.79 21.98
N LYS A 118 -14.21 -2.97 22.34
CA LYS A 118 -14.51 -1.76 23.14
C LYS A 118 -15.17 -0.61 22.37
N ALA A 119 -15.47 -0.82 21.08
CA ALA A 119 -15.96 0.24 20.22
C ALA A 119 -15.08 1.51 20.22
N ALA A 120 -13.75 1.33 20.27
CA ALA A 120 -12.84 2.47 20.19
C ALA A 120 -13.11 3.20 18.89
N PRO A 121 -13.17 4.55 18.94
CA PRO A 121 -13.36 5.38 17.72
C PRO A 121 -12.34 5.07 16.62
N ALA A 122 -11.15 4.66 17.04
CA ALA A 122 -10.03 4.34 16.14
C ALA A 122 -10.13 2.96 15.44
N ALA A 123 -11.15 2.19 15.83
CA ALA A 123 -11.37 0.85 15.30
C ALA A 123 -11.84 0.90 13.84
N PHE A 124 -11.78 -0.26 13.19
CA PHE A 124 -12.27 -0.45 11.82
C PHE A 124 -13.78 -0.39 11.76
N ASP A 125 -14.30 0.21 10.68
CA ASP A 125 -15.73 0.32 10.51
C ASP A 125 -16.20 -0.87 9.71
N TRP A 126 -16.89 -1.75 10.44
CA TRP A 126 -17.54 -2.95 9.95
C TRP A 126 -19.00 -2.75 9.50
N SER A 127 -19.60 -1.58 9.81
CA SER A 127 -21.03 -1.22 9.53
C SER A 127 -21.64 -1.74 8.23
N PRO A 128 -20.94 -1.55 7.07
CA PRO A 128 -21.58 -2.05 5.84
C PRO A 128 -21.65 -3.60 5.78
N VAL A 129 -20.66 -4.29 6.36
CA VAL A 129 -20.70 -5.76 6.44
C VAL A 129 -21.75 -6.17 7.49
N VAL A 130 -21.83 -5.39 8.57
CA VAL A 130 -22.88 -5.72 9.55
C VAL A 130 -24.31 -5.57 8.95
N THR A 131 -24.56 -4.45 8.29
CA THR A 131 -25.83 -4.22 7.56
C THR A 131 -26.19 -5.34 6.55
N TYR A 132 -25.19 -5.79 5.79
CA TYR A 132 -25.37 -6.90 4.88
C TYR A 132 -25.75 -8.19 5.60
N VAL A 133 -25.10 -8.49 6.71
CA VAL A 133 -25.54 -9.66 7.48
C VAL A 133 -26.97 -9.46 7.94
N CYS A 134 -27.29 -8.29 8.48
CA CYS A 134 -28.68 -8.02 8.94
C CYS A 134 -29.70 -8.26 7.82
N ASP A 135 -29.35 -7.84 6.59
CA ASP A 135 -30.27 -8.02 5.45
C ASP A 135 -30.45 -9.49 5.26
N LEU A 136 -29.36 -10.26 5.29
CA LEU A 136 -29.41 -11.72 5.06
C LEU A 136 -30.27 -12.38 6.11
N GLU A 137 -30.29 -11.79 7.31
CA GLU A 137 -30.95 -12.42 8.43
C GLU A 137 -32.42 -11.96 8.50
N GLY A 138 -32.83 -11.20 7.50
CA GLY A 138 -34.23 -10.78 7.37
C GLY A 138 -34.54 -9.44 7.99
N ASN A 139 -33.50 -8.66 8.30
CA ASN A 139 -33.71 -7.34 8.90
C ASN A 139 -34.57 -7.35 10.16
N ARG A 140 -34.30 -8.30 11.04
CA ARG A 140 -34.94 -8.33 12.35
C ARG A 140 -34.43 -7.18 13.24
N VAL A 141 -33.16 -6.81 13.04
CA VAL A 141 -32.55 -5.69 13.75
C VAL A 141 -31.73 -4.92 12.73
N LYS A 142 -31.32 -3.70 13.06
CA LYS A 142 -30.38 -2.96 12.21
C LYS A 142 -28.96 -3.19 12.75
N GLY A 143 -28.00 -2.63 12.01
CA GLY A 143 -26.56 -2.84 12.20
C GLY A 143 -26.06 -2.54 13.59
N PRO A 144 -26.37 -1.35 14.13
CA PRO A 144 -25.83 -1.08 15.48
C PRO A 144 -26.29 -2.13 16.50
N GLU A 145 -27.55 -2.51 16.49
CA GLU A 145 -28.05 -3.59 17.41
C GLU A 145 -27.38 -4.97 17.22
N LYS A 146 -27.05 -5.30 15.98
CA LYS A 146 -26.36 -6.53 15.70
C LYS A 146 -24.89 -6.54 16.14
N GLU A 147 -24.14 -5.46 15.87
CA GLU A 147 -22.75 -5.41 16.30
C GLU A 147 -22.67 -5.58 17.84
N GLU A 148 -23.64 -5.03 18.54
CA GLU A 148 -23.60 -5.03 20.02
C GLU A 148 -23.94 -6.41 20.60
N LYS A 149 -24.83 -7.12 19.95
CA LYS A 149 -25.07 -8.51 20.33
C LYS A 149 -23.81 -9.34 20.08
N LEU A 150 -23.12 -9.09 18.97
CA LEU A 150 -21.86 -9.78 18.76
C LEU A 150 -20.82 -9.45 19.84
N ARG A 151 -20.61 -8.16 20.09
CA ARG A 151 -19.64 -7.69 21.11
C ARG A 151 -19.86 -8.36 22.48
N GLN A 152 -21.11 -8.49 22.90
CA GLN A 152 -21.42 -9.13 24.19
C GLN A 152 -21.25 -10.64 24.17
N ALA A 153 -21.38 -11.21 22.97
CA ALA A 153 -21.12 -12.62 22.75
C ALA A 153 -19.62 -13.02 22.81
N VAL A 154 -18.76 -12.07 22.48
CA VAL A 154 -17.32 -12.31 22.49
C VAL A 154 -16.82 -12.18 23.94
N LYS A 155 -16.56 -13.34 24.54
CA LYS A 155 -16.16 -13.49 25.95
C LYS A 155 -14.65 -13.41 26.21
N GLN A 156 -13.84 -13.90 25.27
CA GLN A 156 -12.38 -14.04 25.41
C GLN A 156 -11.71 -13.73 24.06
N VAL A 157 -10.49 -13.20 24.14
CA VAL A 157 -9.69 -12.82 22.97
C VAL A 157 -8.35 -13.35 23.39
N LEU A 158 -7.89 -14.41 22.73
CA LEU A 158 -6.78 -15.20 23.23
C LEU A 158 -5.70 -15.37 22.22
N LYS A 159 -4.44 -15.48 22.65
CA LYS A 159 -3.44 -16.01 21.77
C LYS A 159 -3.67 -17.51 21.38
N CYS A 160 -3.57 -17.76 20.08
CA CYS A 160 -3.68 -19.05 19.42
C CYS A 160 -2.40 -19.39 18.63
N ASP A 161 -1.98 -20.65 18.72
CA ASP A 161 -1.04 -21.24 17.79
C ASP A 161 -1.54 -22.63 17.43
N VAL A 162 -2.01 -22.78 16.20
CA VAL A 162 -2.64 -24.04 15.83
C VAL A 162 -1.67 -25.15 15.63
N THR A 163 -0.38 -24.80 15.53
CA THR A 163 0.66 -25.84 15.37
C THR A 163 1.04 -26.53 16.70
N GLN A 164 0.48 -26.06 17.81
CA GLN A 164 0.74 -26.54 19.18
C GLN A 164 -0.39 -27.42 19.64
N SER A 165 -0.09 -28.49 20.40
CA SER A 165 -1.12 -29.48 20.71
C SER A 165 -2.16 -28.95 21.69
N GLN A 166 -1.79 -27.88 22.40
CA GLN A 166 -2.72 -27.06 23.14
C GLN A 166 -2.71 -25.72 22.42
N PRO A 167 -3.55 -25.57 21.35
CA PRO A 167 -3.45 -24.29 20.53
C PRO A 167 -3.58 -22.97 21.33
N LEU A 168 -4.37 -23.03 22.40
CA LEU A 168 -4.63 -21.95 23.32
C LEU A 168 -3.73 -21.99 24.61
N GLY A 169 -2.75 -22.90 24.65
CA GLY A 169 -1.94 -23.14 25.85
C GLY A 169 -2.74 -23.52 27.09
N ALA A 170 -2.34 -22.96 28.24
CA ALA A 170 -3.01 -23.33 29.52
C ALA A 170 -4.31 -22.62 29.77
N VAL A 171 -4.81 -21.89 28.79
CA VAL A 171 -6.09 -21.22 29.03
C VAL A 171 -7.15 -22.30 29.09
N PRO A 172 -7.77 -22.50 30.28
CA PRO A 172 -8.85 -23.46 30.43
C PRO A 172 -10.14 -22.94 29.77
N LEU A 173 -10.78 -23.81 29.02
CA LEU A 173 -12.04 -23.49 28.39
C LEU A 173 -12.79 -24.79 28.38
N PRO A 174 -14.12 -24.74 28.58
CA PRO A 174 -14.91 -25.97 28.39
C PRO A 174 -14.84 -26.42 26.93
N PRO A 175 -15.04 -27.73 26.67
CA PRO A 175 -15.16 -28.15 25.28
C PRO A 175 -16.21 -27.33 24.54
N ALA A 176 -15.87 -27.03 23.31
CA ALA A 176 -16.67 -26.16 22.45
C ALA A 176 -17.69 -26.99 21.67
N ASP A 177 -18.76 -26.35 21.22
CA ASP A 177 -19.67 -27.00 20.26
C ASP A 177 -19.19 -26.78 18.81
N CYS A 178 -18.43 -25.71 18.60
CA CYS A 178 -17.92 -25.37 17.27
C CYS A 178 -16.56 -24.73 17.33
N VAL A 179 -15.70 -25.21 16.45
CA VAL A 179 -14.49 -24.56 16.12
C VAL A 179 -14.68 -23.98 14.70
N LEU A 180 -14.61 -22.67 14.59
CA LEU A 180 -14.62 -21.97 13.29
C LEU A 180 -13.16 -21.58 12.89
N SER A 181 -12.82 -21.62 11.60
CA SER A 181 -11.53 -21.09 11.14
C SER A 181 -11.60 -20.54 9.70
N THR A 182 -11.58 -19.22 9.57
CA THR A 182 -11.68 -18.66 8.22
C THR A 182 -10.37 -18.08 7.72
N LEU A 183 -10.02 -18.51 6.52
CA LEU A 183 -8.81 -18.06 5.80
C LEU A 183 -7.57 -18.12 6.66
N CYS A 184 -7.50 -19.09 7.58
CA CYS A 184 -6.35 -19.17 8.50
C CYS A 184 -5.45 -20.38 8.30
N LEU A 185 -6.04 -21.58 8.18
CA LEU A 185 -5.22 -22.79 8.18
C LEU A 185 -4.22 -22.83 7.02
N ASP A 186 -4.65 -22.32 5.86
CA ASP A 186 -3.82 -22.23 4.67
C ASP A 186 -2.59 -21.37 4.97
N ALA A 187 -2.81 -20.31 5.73
CA ALA A 187 -1.79 -19.35 6.13
C ALA A 187 -0.82 -19.87 7.19
N ALA A 188 -1.32 -20.78 8.02
CA ALA A 188 -0.66 -21.21 9.24
C ALA A 188 0.12 -22.49 9.05
N CYS A 189 -0.20 -23.25 8.02
CA CYS A 189 0.31 -24.61 7.92
C CYS A 189 1.18 -24.83 6.68
N PRO A 190 2.51 -24.96 6.89
CA PRO A 190 3.50 -24.99 5.76
C PRO A 190 3.43 -26.23 4.91
N ASP A 191 2.75 -27.25 5.41
CA ASP A 191 2.65 -28.51 4.72
C ASP A 191 1.43 -29.22 5.22
N LEU A 192 1.01 -30.19 4.42
CA LEU A 192 -0.11 -31.02 4.76
C LEU A 192 -0.06 -31.85 6.09
N PRO A 193 1.11 -32.42 6.47
CA PRO A 193 1.22 -33.03 7.84
C PRO A 193 0.95 -32.04 8.95
N THR A 194 1.41 -30.79 8.78
CA THR A 194 1.15 -29.73 9.78
C THR A 194 -0.34 -29.37 9.75
N TYR A 195 -0.90 -29.32 8.54
CA TYR A 195 -2.29 -29.00 8.38
C TYR A 195 -3.19 -30.04 9.08
N CYS A 196 -2.91 -31.32 8.84
CA CYS A 196 -3.66 -32.40 9.46
C CYS A 196 -3.44 -32.32 10.97
N ARG A 197 -2.20 -32.15 11.42
CA ARG A 197 -1.92 -31.98 12.83
C ARG A 197 -2.64 -30.79 13.50
N ALA A 198 -2.76 -29.65 12.81
CA ALA A 198 -3.47 -28.49 13.29
C ALA A 198 -4.97 -28.79 13.49
N LEU A 199 -5.54 -29.55 12.56
CA LEU A 199 -6.95 -29.93 12.62
C LEU A 199 -7.16 -30.88 13.81
N ARG A 200 -6.24 -31.78 14.08
CA ARG A 200 -6.28 -32.63 15.30
C ARG A 200 -6.16 -31.79 16.56
N ASN A 201 -5.20 -30.86 16.56
CA ASN A 201 -5.05 -29.86 17.65
C ASN A 201 -6.33 -29.11 17.96
N LEU A 202 -7.05 -28.71 16.91
CA LEU A 202 -8.27 -27.97 17.13
C LEU A 202 -9.31 -28.90 17.74
N GLY A 203 -9.23 -30.19 17.39
CA GLY A 203 -10.11 -31.21 17.98
C GLY A 203 -10.03 -31.26 19.50
N SER A 204 -8.84 -31.00 20.06
CA SER A 204 -8.66 -31.01 21.53
C SER A 204 -9.60 -29.99 22.21
N LEU A 205 -10.09 -29.04 21.44
CA LEU A 205 -10.94 -28.01 22.01
C LEU A 205 -12.43 -28.33 21.89
N LEU A 206 -12.75 -29.37 21.15
CA LEU A 206 -14.14 -29.68 20.78
C LEU A 206 -14.66 -30.83 21.58
N LYS A 207 -15.93 -30.71 22.02
CA LYS A 207 -16.69 -31.83 22.50
C LYS A 207 -16.68 -32.94 21.43
N PRO A 208 -16.77 -34.23 21.88
CA PRO A 208 -17.29 -35.37 21.12
C PRO A 208 -18.40 -34.92 20.17
N GLY A 209 -18.20 -35.11 18.88
CA GLY A 209 -19.22 -34.75 17.93
C GLY A 209 -19.36 -33.26 17.66
N GLY A 210 -18.40 -32.44 18.11
CA GLY A 210 -18.55 -31.00 17.95
C GLY A 210 -18.34 -30.68 16.47
N PHE A 211 -18.91 -29.57 16.04
CA PHE A 211 -18.69 -29.04 14.70
C PHE A 211 -17.33 -28.41 14.40
N LEU A 212 -16.93 -28.54 13.16
CA LEU A 212 -15.75 -27.87 12.67
C LEU A 212 -16.11 -27.24 11.33
N VAL A 213 -15.91 -25.92 11.26
CA VAL A 213 -16.31 -25.10 10.11
C VAL A 213 -15.06 -24.46 9.57
N ILE A 214 -14.67 -24.82 8.34
CA ILE A 214 -13.46 -24.21 7.71
C ILE A 214 -13.86 -23.61 6.41
N MET A 215 -13.43 -22.37 6.20
CA MET A 215 -13.49 -21.74 4.89
C MET A 215 -12.11 -21.22 4.54
N ASP A 216 -11.66 -21.58 3.34
CA ASP A 216 -10.33 -21.19 2.93
C ASP A 216 -10.15 -21.20 1.41
N ALA A 217 -8.99 -20.73 0.97
CA ALA A 217 -8.76 -20.63 -0.48
C ALA A 217 -8.24 -21.96 -0.98
N LEU A 218 -8.50 -22.28 -2.26
CA LEU A 218 -7.97 -23.48 -2.93
C LEU A 218 -6.84 -23.17 -3.88
N LYS A 219 -5.76 -23.97 -3.83
CA LYS A 219 -4.60 -23.87 -4.79
C LYS A 219 -4.02 -22.49 -4.80
N SER A 220 -3.89 -21.95 -3.60
CA SER A 220 -3.36 -20.65 -3.33
C SER A 220 -2.03 -20.80 -2.61
N SER A 221 -0.97 -20.24 -3.16
CA SER A 221 0.40 -20.33 -2.60
C SER A 221 0.87 -19.04 -1.91
N TYR A 222 0.10 -17.96 -2.05
CA TYR A 222 0.37 -16.70 -1.35
C TYR A 222 -0.90 -15.82 -1.31
N TYR A 223 -0.92 -14.91 -0.38
CA TYR A 223 -1.89 -13.83 -0.43
C TYR A 223 -1.14 -12.57 -0.04
N MET A 224 -1.49 -11.47 -0.70
CA MET A 224 -0.84 -10.19 -0.47
C MET A 224 -1.55 -9.36 0.54
N ILE A 225 -0.78 -8.66 1.36
CA ILE A 225 -1.30 -7.48 2.01
C ILE A 225 -0.64 -6.23 1.36
N GLY A 226 -1.29 -5.70 0.33
CA GLY A 226 -0.73 -4.63 -0.50
C GLY A 226 0.46 -5.15 -1.29
N GLU A 227 1.66 -4.77 -0.88
CA GLU A 227 2.83 -5.36 -1.50
C GLU A 227 3.61 -6.34 -0.56
N GLN A 228 2.98 -6.73 0.56
CA GLN A 228 3.60 -7.63 1.54
C GLN A 228 3.06 -9.04 1.22
N LYS A 229 3.95 -10.00 1.02
CA LYS A 229 3.57 -11.30 0.47
C LYS A 229 3.64 -12.37 1.53
N PHE A 230 2.52 -13.07 1.69
CA PHE A 230 2.41 -14.08 2.76
C PHE A 230 2.17 -15.45 2.16
N SER A 231 2.82 -16.48 2.69
CA SER A 231 2.64 -17.84 2.21
C SER A 231 1.24 -18.35 2.53
N SER A 232 0.75 -19.18 1.63
CA SER A 232 -0.47 -19.91 1.75
C SER A 232 -0.16 -21.30 1.26
N LEU A 233 -0.75 -22.31 1.93
CA LEU A 233 -0.62 -23.70 1.53
C LEU A 233 -1.57 -24.00 0.38
N PRO A 234 -1.02 -24.32 -0.80
CA PRO A 234 -1.80 -24.44 -2.01
C PRO A 234 -2.52 -25.77 -2.20
N LEU A 235 -3.38 -26.14 -1.24
CA LEU A 235 -4.23 -27.35 -1.28
C LEU A 235 -5.43 -27.28 -2.23
N GLY A 236 -5.68 -28.39 -2.93
CA GLY A 236 -6.91 -28.65 -3.67
C GLY A 236 -7.97 -29.33 -2.81
N ARG A 237 -9.14 -29.56 -3.40
CA ARG A 237 -10.29 -30.12 -2.70
C ARG A 237 -10.02 -31.49 -2.04
N GLU A 238 -9.24 -32.32 -2.72
CA GLU A 238 -9.02 -33.67 -2.33
C GLU A 238 -8.08 -33.71 -1.10
N ALA A 239 -7.04 -32.89 -1.13
CA ALA A 239 -6.14 -32.76 -0.02
C ALA A 239 -6.89 -32.21 1.22
N VAL A 240 -7.79 -31.23 1.04
CA VAL A 240 -8.53 -30.68 2.18
C VAL A 240 -9.38 -31.84 2.77
N GLU A 241 -10.07 -32.56 1.89
CA GLU A 241 -10.93 -33.65 2.33
C GLU A 241 -10.13 -34.72 3.12
N ALA A 242 -8.95 -35.07 2.59
CA ALA A 242 -8.08 -36.06 3.22
C ALA A 242 -7.65 -35.69 4.62
N ALA A 243 -7.20 -34.45 4.80
CA ALA A 243 -6.67 -33.94 6.07
C ALA A 243 -7.75 -33.86 7.09
N VAL A 244 -8.96 -33.52 6.65
CA VAL A 244 -10.04 -33.33 7.62
C VAL A 244 -10.39 -34.69 8.14
N LYS A 245 -10.53 -35.66 7.24
CA LYS A 245 -10.86 -37.03 7.60
C LYS A 245 -9.85 -37.71 8.55
N GLU A 246 -8.57 -37.55 8.27
CA GLU A 246 -7.47 -38.10 9.05
C GLU A 246 -7.26 -37.40 10.38
N ALA A 247 -7.78 -36.19 10.51
CA ALA A 247 -7.63 -35.49 11.75
C ALA A 247 -8.71 -36.01 12.71
N GLY A 248 -9.64 -36.80 12.18
CA GLY A 248 -10.63 -37.47 13.00
C GLY A 248 -12.01 -36.84 12.92
N TYR A 249 -12.45 -36.53 11.68
CA TYR A 249 -13.70 -35.85 11.46
C TYR A 249 -14.53 -36.50 10.34
N THR A 250 -15.84 -36.30 10.40
CA THR A 250 -16.78 -36.76 9.38
C THR A 250 -17.33 -35.51 8.74
N ILE A 251 -17.07 -35.35 7.47
CA ILE A 251 -17.52 -34.19 6.74
C ILE A 251 -19.03 -34.29 6.49
N GLU A 252 -19.75 -33.23 6.87
CA GLU A 252 -21.19 -33.15 6.69
C GLU A 252 -21.51 -32.55 5.32
N TRP A 253 -20.81 -31.47 4.97
N TRP A 253 -20.90 -31.39 5.02
CA TRP A 253 -20.96 -30.90 3.68
CA TRP A 253 -21.00 -30.73 3.71
C TRP A 253 -19.74 -30.10 3.28
C TRP A 253 -19.62 -30.27 3.29
N PHE A 254 -19.44 -30.15 1.98
CA PHE A 254 -18.23 -29.61 1.47
C PHE A 254 -18.65 -28.94 0.21
N GLU A 255 -18.31 -27.66 0.10
CA GLU A 255 -18.64 -26.91 -1.08
C GLU A 255 -17.41 -26.19 -1.66
N VAL A 256 -17.34 -26.09 -2.97
CA VAL A 256 -16.26 -25.39 -3.68
C VAL A 256 -16.89 -24.36 -4.59
N ILE A 257 -16.48 -23.09 -4.48
CA ILE A 257 -16.83 -22.11 -5.50
C ILE A 257 -15.59 -21.71 -6.35
N SER A 258 -15.86 -21.23 -7.55
CA SER A 258 -14.79 -20.92 -8.49
C SER A 258 -14.32 -19.47 -8.34
N GLN A 259 -15.14 -18.64 -7.67
CA GLN A 259 -14.79 -17.25 -7.46
C GLN A 259 -13.44 -17.18 -6.79
N SER A 260 -12.55 -16.40 -7.40
CA SER A 260 -11.21 -16.19 -6.87
C SER A 260 -10.92 -14.71 -6.52
N TYR A 261 -9.87 -14.49 -5.73
CA TYR A 261 -9.43 -13.11 -5.50
C TYR A 261 -8.82 -12.56 -6.80
N SER A 262 -8.58 -11.24 -6.87
CA SER A 262 -7.82 -10.72 -8.01
C SER A 262 -6.41 -11.24 -7.90
N SER A 263 -5.76 -11.41 -9.05
CA SER A 263 -4.37 -11.89 -9.14
C SER A 263 -3.43 -11.05 -8.28
N THR A 264 -3.80 -9.79 -8.09
CA THR A 264 -2.96 -8.88 -7.33
C THR A 264 -3.07 -9.10 -5.79
N MET A 265 -4.04 -9.91 -5.33
CA MET A 265 -4.17 -10.30 -3.89
C MET A 265 -3.78 -11.75 -3.58
N ALA A 266 -4.32 -12.66 -4.37
CA ALA A 266 -4.02 -14.10 -4.30
C ALA A 266 -4.11 -14.78 -5.66
N ASN A 267 -3.34 -15.85 -5.82
CA ASN A 267 -3.39 -16.66 -6.99
C ASN A 267 -4.22 -17.90 -6.68
N ASN A 268 -5.37 -17.72 -6.00
CA ASN A 268 -6.17 -18.90 -5.63
C ASN A 268 -7.03 -19.38 -6.80
N GLU A 269 -7.47 -20.63 -6.74
CA GLU A 269 -8.42 -21.10 -7.71
C GLU A 269 -9.70 -21.45 -7.00
N GLY A 270 -10.46 -20.45 -6.56
CA GLY A 270 -11.71 -20.75 -5.84
C GLY A 270 -11.57 -20.87 -4.33
N LEU A 271 -12.70 -21.12 -3.65
CA LEU A 271 -12.66 -21.27 -2.19
C LEU A 271 -13.49 -22.48 -1.78
N PHE A 272 -13.16 -23.02 -0.62
CA PHE A 272 -13.96 -24.10 -0.10
C PHE A 272 -14.61 -23.71 1.18
N SER A 273 -15.67 -24.41 1.51
CA SER A 273 -16.20 -24.34 2.83
C SER A 273 -16.68 -25.72 3.18
N LEU A 274 -16.47 -26.09 4.43
CA LEU A 274 -16.94 -27.36 4.95
C LEU A 274 -17.45 -27.26 6.39
N VAL A 275 -18.30 -28.21 6.70
CA VAL A 275 -18.78 -28.42 8.04
C VAL A 275 -18.53 -29.87 8.30
N ALA A 276 -17.75 -30.14 9.33
CA ALA A 276 -17.38 -31.49 9.71
C ALA A 276 -17.74 -31.71 11.18
N ARG A 277 -17.80 -32.99 11.59
CA ARG A 277 -18.04 -33.33 12.97
C ARG A 277 -16.91 -34.21 13.53
N LYS A 278 -16.57 -34.04 14.81
CA LYS A 278 -15.52 -34.85 15.44
C LYS A 278 -15.96 -36.30 15.58
N LEU A 279 -15.12 -37.27 15.19
CA LEU A 279 -15.54 -38.70 15.19
C LEU A 279 -15.59 -39.23 16.63
N SER B 11 -13.85 17.51 -7.98
CA SER B 11 -13.30 16.68 -9.14
C SER B 11 -13.22 17.47 -10.42
N SER B 12 -12.80 16.80 -11.48
CA SER B 12 -12.46 17.47 -12.74
C SER B 12 -11.45 18.63 -12.54
N GLY B 13 -10.53 18.45 -11.58
CA GLY B 13 -9.41 19.36 -11.43
C GLY B 13 -9.70 20.61 -10.64
N LEU B 14 -10.97 20.81 -10.28
CA LEU B 14 -11.38 21.99 -9.54
C LEU B 14 -10.63 21.99 -8.25
N VAL B 15 -10.36 20.78 -7.74
CA VAL B 15 -9.75 20.54 -6.46
C VAL B 15 -8.87 19.26 -6.60
N PRO B 16 -7.75 19.13 -5.82
CA PRO B 16 -7.04 17.86 -5.88
C PRO B 16 -7.94 16.62 -5.68
N ARG B 17 -7.53 15.51 -6.29
CA ARG B 17 -8.25 14.30 -6.26
C ARG B 17 -8.39 13.91 -4.77
N GLY B 18 -9.53 13.35 -4.40
CA GLY B 18 -9.70 12.93 -3.00
C GLY B 18 -9.74 14.02 -1.97
N SER B 19 -9.92 15.27 -2.39
CA SER B 19 -9.86 16.33 -1.43
C SER B 19 -11.24 16.97 -1.23
N MET B 20 -12.26 16.52 -1.95
CA MET B 20 -13.45 17.39 -2.04
C MET B 20 -14.08 17.70 -0.66
N GLU B 21 -14.04 16.71 0.22
CA GLU B 21 -14.74 16.80 1.47
C GLU B 21 -13.88 17.33 2.60
N SER B 22 -12.74 16.69 2.86
CA SER B 22 -11.74 17.13 3.87
C SER B 22 -10.91 18.35 3.49
N GLY B 23 -10.77 18.61 2.20
CA GLY B 23 -9.84 19.64 1.73
C GLY B 23 -8.43 19.20 1.37
N PHE B 24 -8.11 17.94 1.59
CA PHE B 24 -6.77 17.47 1.22
C PHE B 24 -6.89 16.07 0.74
N THR B 25 -6.12 15.74 -0.30
CA THR B 25 -6.05 14.43 -0.87
C THR B 25 -5.96 13.37 0.24
N SER B 26 -6.92 12.47 0.18
CA SER B 26 -7.05 11.42 1.20
C SER B 26 -5.98 10.36 0.95
N LYS B 27 -5.49 9.71 1.99
CA LYS B 27 -4.47 8.70 1.74
C LYS B 27 -4.91 7.54 0.87
N ASP B 28 -6.18 7.19 0.87
CA ASP B 28 -6.63 6.16 -0.07
C ASP B 28 -6.48 6.62 -1.52
N THR B 29 -6.38 7.94 -1.75
CA THR B 29 -6.07 8.42 -3.09
C THR B 29 -4.72 7.94 -3.60
N TYR B 30 -3.79 7.69 -2.68
CA TYR B 30 -2.41 7.26 -3.06
C TYR B 30 -2.38 5.79 -3.42
N LEU B 31 -3.41 5.06 -3.01
CA LEU B 31 -3.51 3.62 -3.27
C LEU B 31 -4.24 3.35 -4.57
N SER B 32 -4.97 4.36 -5.03
CA SER B 32 -5.90 4.29 -6.14
C SER B 32 -5.39 4.89 -7.42
N HIS B 33 -5.01 6.14 -7.30
CA HIS B 33 -4.85 7.03 -8.46
C HIS B 33 -3.45 7.52 -8.70
N PHE B 34 -2.55 7.10 -7.81
CA PHE B 34 -1.18 7.45 -7.95
C PHE B 34 -0.51 6.33 -8.75
N ASN B 35 -0.21 6.59 -10.03
CA ASN B 35 0.44 5.63 -10.89
C ASN B 35 1.95 5.82 -10.92
N PRO B 36 2.71 4.91 -10.24
CA PRO B 36 4.18 5.03 -10.23
C PRO B 36 4.84 5.36 -11.56
N ARG B 37 4.47 4.61 -12.60
CA ARG B 37 5.00 4.75 -13.98
C ARG B 37 4.74 6.15 -14.56
N ASP B 38 3.54 6.64 -14.36
CA ASP B 38 3.17 7.97 -14.81
C ASP B 38 3.92 9.02 -14.01
N TYR B 39 4.09 8.75 -12.73
CA TYR B 39 4.79 9.68 -11.86
C TYR B 39 6.22 9.84 -12.34
N LEU B 40 6.86 8.72 -12.62
CA LEU B 40 8.28 8.66 -13.02
C LEU B 40 8.42 9.21 -14.39
N GLU B 41 7.51 8.83 -15.28
CA GLU B 41 7.55 9.34 -16.65
C GLU B 41 7.47 10.85 -16.62
N LYS B 42 6.69 11.38 -15.71
CA LYS B 42 6.50 12.82 -15.63
C LYS B 42 7.66 13.64 -15.00
N TYR B 43 8.30 13.10 -13.98
CA TYR B 43 9.23 13.86 -13.18
C TYR B 43 10.69 13.44 -13.27
N TYR B 44 10.93 12.21 -13.70
CA TYR B 44 12.24 11.57 -13.50
C TYR B 44 12.93 11.03 -14.74
N LYS B 45 12.33 11.27 -15.91
CA LYS B 45 12.92 10.91 -17.21
C LYS B 45 14.42 11.25 -17.31
N SER B 51 14.50 21.11 -18.85
CA SER B 51 13.15 21.18 -18.32
C SER B 51 13.24 21.59 -16.85
N ALA B 52 12.14 22.11 -16.30
CA ALA B 52 12.10 22.50 -14.89
C ALA B 52 12.20 21.29 -13.97
N GLU B 53 11.67 20.16 -14.39
CA GLU B 53 11.70 18.96 -13.61
C GLU B 53 13.13 18.43 -13.51
N SER B 54 13.83 18.37 -14.66
CA SER B 54 15.21 17.91 -14.72
C SER B 54 16.17 18.82 -13.94
N GLN B 55 15.96 20.14 -14.05
CA GLN B 55 16.75 21.12 -13.33
C GLN B 55 16.56 20.95 -11.82
N ILE B 56 15.33 20.64 -11.44
CA ILE B 56 15.01 20.34 -10.04
C ILE B 56 15.74 19.07 -9.58
N LEU B 57 15.74 18.05 -10.43
CA LEU B 57 16.34 16.77 -10.09
C LEU B 57 17.84 16.94 -9.96
N LYS B 58 18.44 17.75 -10.81
CA LYS B 58 19.88 18.04 -10.69
C LYS B 58 20.17 18.77 -9.42
N HIS B 59 19.25 19.64 -9.01
CA HIS B 59 19.41 20.34 -7.76
C HIS B 59 19.29 19.35 -6.61
N LEU B 60 18.25 18.55 -6.59
CA LEU B 60 18.10 17.56 -5.49
C LEU B 60 19.36 16.73 -5.37
N LEU B 61 19.85 16.26 -6.53
CA LEU B 61 21.00 15.35 -6.61
C LEU B 61 22.30 15.95 -6.11
N LYS B 62 22.52 17.24 -6.40
CA LYS B 62 23.73 17.91 -5.93
C LYS B 62 23.63 18.16 -4.43
N ASN B 63 22.43 18.39 -3.94
CA ASN B 63 22.21 18.54 -2.50
C ASN B 63 22.45 17.24 -1.77
N LEU B 64 21.94 16.14 -2.27
CA LEU B 64 22.14 14.84 -1.62
C LEU B 64 23.59 14.40 -1.63
N PHE B 65 24.29 14.69 -2.74
CA PHE B 65 25.74 14.49 -2.87
C PHE B 65 26.47 15.26 -1.77
N LYS B 66 26.22 16.56 -1.67
CA LYS B 66 26.90 17.37 -0.65
C LYS B 66 26.56 16.91 0.80
N ILE B 67 25.29 16.64 1.07
CA ILE B 67 24.94 16.16 2.42
C ILE B 67 25.72 14.92 2.75
N PHE B 68 25.66 13.92 1.88
CA PHE B 68 26.03 12.57 2.29
C PHE B 68 27.50 12.35 2.02
N CYS B 69 28.01 13.00 0.99
CA CYS B 69 29.37 12.77 0.59
C CYS B 69 30.34 13.79 1.16
N LEU B 70 29.91 15.05 1.26
CA LEU B 70 30.81 16.17 1.56
C LEU B 70 30.70 16.66 2.98
N ASP B 71 29.51 16.50 3.54
CA ASP B 71 29.24 16.84 4.92
C ASP B 71 29.34 15.54 5.78
N GLY B 72 29.02 15.58 7.06
CA GLY B 72 29.29 14.34 7.81
C GLY B 72 28.07 13.46 8.02
N VAL B 73 27.12 13.49 7.09
CA VAL B 73 25.88 12.74 7.24
C VAL B 73 26.10 11.30 6.82
N LYS B 74 26.21 10.45 7.85
CA LYS B 74 26.66 9.09 7.67
C LYS B 74 26.29 8.19 8.86
N GLY B 75 26.42 6.88 8.60
CA GLY B 75 26.24 5.88 9.61
C GLY B 75 25.85 4.54 9.04
N ASP B 76 25.19 3.77 9.89
CA ASP B 76 24.77 2.39 9.61
C ASP B 76 23.43 2.29 8.89
N LEU B 77 22.39 2.75 9.55
CA LEU B 77 21.06 2.68 9.01
C LEU B 77 20.50 4.05 8.61
N LEU B 78 20.23 4.21 7.29
CA LEU B 78 19.31 5.25 6.77
C LEU B 78 17.90 4.71 6.39
N ILE B 79 16.85 5.43 6.79
CA ILE B 79 15.49 5.09 6.39
C ILE B 79 14.97 6.23 5.50
N ASP B 80 14.51 5.86 4.33
CA ASP B 80 13.92 6.81 3.37
C ASP B 80 12.40 6.70 3.54
N ILE B 81 11.77 7.82 3.85
CA ILE B 81 10.37 7.87 4.19
C ILE B 81 9.62 8.46 2.98
N GLY B 82 8.65 7.71 2.47
CA GLY B 82 7.86 8.13 1.33
C GLY B 82 8.69 8.20 0.06
N SER B 83 9.55 7.18 -0.13
CA SER B 83 10.43 6.93 -1.31
C SER B 83 9.74 7.00 -2.70
N GLY B 84 8.42 6.91 -2.73
CA GLY B 84 7.68 6.62 -3.96
C GLY B 84 8.26 5.44 -4.67
N PRO B 85 8.18 5.47 -6.01
CA PRO B 85 8.77 4.53 -6.99
C PRO B 85 10.20 4.92 -7.29
N THR B 86 10.75 5.83 -6.49
CA THR B 86 12.01 6.49 -6.87
C THR B 86 13.24 6.11 -6.03
N ILE B 87 14.39 6.07 -6.68
CA ILE B 87 15.62 5.72 -6.02
C ILE B 87 16.72 6.76 -6.19
N TYR B 88 16.46 7.86 -6.91
CA TYR B 88 17.47 8.94 -7.12
C TYR B 88 17.99 9.48 -5.76
N GLN B 89 17.07 9.58 -4.78
CA GLN B 89 17.40 10.11 -3.45
C GLN B 89 18.36 9.24 -2.61
N LEU B 90 18.61 8.02 -3.10
CA LEU B 90 19.40 7.05 -2.39
C LEU B 90 20.77 6.87 -2.97
N LEU B 91 21.05 7.50 -4.13
CA LEU B 91 22.26 7.16 -4.83
C LEU B 91 23.51 7.52 -4.06
N SER B 92 23.65 8.78 -3.64
CA SER B 92 24.74 9.20 -2.74
C SER B 92 24.62 8.66 -1.29
N ALA B 93 23.39 8.51 -0.79
CA ALA B 93 23.19 7.90 0.53
C ALA B 93 24.02 6.62 0.77
N CYS B 94 24.09 5.74 -0.22
CA CYS B 94 24.66 4.40 -0.03
C CYS B 94 26.19 4.45 -0.05
N GLU B 95 26.75 5.62 -0.38
CA GLU B 95 28.14 5.87 -0.19
C GLU B 95 28.46 6.09 1.29
N SER B 96 27.46 6.53 2.09
CA SER B 96 27.69 6.85 3.49
C SER B 96 26.90 6.06 4.53
N PHE B 97 25.96 5.22 4.09
CA PHE B 97 25.19 4.38 5.00
C PHE B 97 25.35 2.96 4.56
N LYS B 98 25.51 2.10 5.55
CA LYS B 98 25.70 0.70 5.28
C LYS B 98 24.40 0.12 4.77
N GLU B 99 23.26 0.57 5.33
CA GLU B 99 21.97 -0.06 5.10
C GLU B 99 20.92 0.98 4.98
N ILE B 100 20.06 0.76 3.99
CA ILE B 100 19.00 1.63 3.59
C ILE B 100 17.69 0.88 3.61
N VAL B 101 16.68 1.47 4.24
CA VAL B 101 15.32 0.87 4.20
C VAL B 101 14.41 1.85 3.46
N VAL B 102 13.70 1.37 2.46
CA VAL B 102 12.92 2.31 1.65
C VAL B 102 11.48 1.99 2.01
N THR B 103 10.66 3.02 2.00
CA THR B 103 9.33 2.90 2.54
C THR B 103 8.41 3.81 1.75
N ASP B 104 7.14 3.46 1.75
CA ASP B 104 6.15 4.33 1.14
C ASP B 104 4.79 3.85 1.53
N TYR B 105 3.80 4.72 1.43
CA TYR B 105 2.41 4.37 1.79
C TYR B 105 1.72 3.56 0.70
N SER B 106 2.07 3.84 -0.56
CA SER B 106 1.50 3.17 -1.70
C SER B 106 2.14 1.84 -2.12
N ASP B 107 1.33 0.77 -2.11
CA ASP B 107 1.69 -0.60 -2.60
C ASP B 107 2.25 -0.62 -4.01
N GLN B 108 1.61 0.13 -4.89
CA GLN B 108 2.05 0.23 -6.27
C GLN B 108 3.44 0.84 -6.32
N ASN B 109 3.70 1.88 -5.54
CA ASN B 109 5.08 2.38 -5.41
C ASN B 109 6.12 1.37 -4.93
N LEU B 110 5.79 0.67 -3.86
CA LEU B 110 6.63 -0.41 -3.32
C LEU B 110 6.90 -1.49 -4.35
N GLN B 111 5.88 -1.83 -5.15
CA GLN B 111 6.03 -2.85 -6.18
C GLN B 111 7.08 -2.44 -7.20
N GLU B 112 7.07 -1.16 -7.54
CA GLU B 112 7.90 -0.56 -8.59
C GLU B 112 9.38 -0.52 -8.14
N LEU B 113 9.60 -0.16 -6.89
CA LEU B 113 10.88 -0.27 -6.25
C LEU B 113 11.42 -1.70 -6.26
N GLU B 114 10.56 -2.64 -5.83
CA GLU B 114 10.94 -4.01 -5.82
C GLU B 114 11.30 -4.51 -7.22
N LYS B 115 10.55 -4.05 -8.24
CA LYS B 115 10.88 -4.34 -9.63
C LYS B 115 12.28 -3.83 -9.89
N TRP B 116 12.60 -2.65 -9.38
CA TRP B 116 13.93 -2.07 -9.60
C TRP B 116 15.01 -2.85 -8.83
N LEU B 117 14.74 -3.17 -7.58
CA LEU B 117 15.68 -3.95 -6.76
C LEU B 117 16.20 -5.21 -7.42
N LYS B 118 15.29 -5.93 -8.06
CA LYS B 118 15.61 -7.14 -8.81
C LYS B 118 16.02 -6.96 -10.26
N ALA B 119 16.20 -5.72 -10.71
CA ALA B 119 16.65 -5.45 -12.10
C ALA B 119 15.78 -6.18 -13.15
N ALA B 120 14.48 -6.24 -12.87
CA ALA B 120 13.45 -6.68 -13.80
C ALA B 120 13.57 -5.83 -15.03
N PRO B 121 13.59 -6.46 -16.21
CA PRO B 121 13.73 -5.66 -17.44
C PRO B 121 12.62 -4.57 -17.55
N ALA B 122 11.46 -4.85 -16.95
CA ALA B 122 10.28 -3.97 -17.00
C ALA B 122 10.46 -2.68 -16.18
N ALA B 123 11.50 -2.66 -15.37
CA ALA B 123 11.65 -1.58 -14.39
C ALA B 123 11.97 -0.25 -15.09
N PHE B 124 11.63 0.84 -14.40
CA PHE B 124 12.06 2.15 -14.82
C PHE B 124 13.57 2.18 -14.95
N ASP B 125 14.01 2.89 -15.97
CA ASP B 125 15.41 3.07 -16.25
C ASP B 125 15.93 4.26 -15.44
N TRP B 126 16.83 3.99 -14.50
CA TRP B 126 17.47 5.04 -13.71
C TRP B 126 18.83 5.54 -14.26
N SER B 127 19.34 4.81 -15.28
CA SER B 127 20.73 4.95 -15.80
C SER B 127 21.25 6.38 -15.96
N PRO B 128 20.44 7.32 -16.54
CA PRO B 128 20.97 8.67 -16.73
C PRO B 128 21.12 9.45 -15.42
N VAL B 129 20.31 9.13 -14.42
CA VAL B 129 20.40 9.71 -13.09
C VAL B 129 21.60 9.09 -12.33
N VAL B 130 21.74 7.77 -12.44
CA VAL B 130 22.87 7.05 -11.84
C VAL B 130 24.20 7.60 -12.42
N THR B 131 24.28 7.75 -13.73
CA THR B 131 25.50 8.35 -14.36
C THR B 131 25.79 9.76 -13.83
N TYR B 132 24.75 10.60 -13.78
CA TYR B 132 24.91 11.93 -13.27
C TYR B 132 25.45 11.91 -11.87
N VAL B 133 24.92 11.00 -11.04
CA VAL B 133 25.42 10.94 -9.67
C VAL B 133 26.86 10.46 -9.67
N CYS B 134 27.18 9.46 -10.48
CA CYS B 134 28.57 8.96 -10.54
C CYS B 134 29.51 10.09 -10.92
N ASP B 135 29.08 10.93 -11.88
CA ASP B 135 29.90 12.08 -12.32
C ASP B 135 30.12 13.02 -11.15
N LEU B 136 29.09 13.27 -10.36
CA LEU B 136 29.21 14.11 -9.16
C LEU B 136 30.18 13.50 -8.17
N GLU B 137 30.22 12.16 -8.13
CA GLU B 137 30.96 11.46 -7.06
C GLU B 137 32.41 11.20 -7.42
N GLY B 138 32.84 11.78 -8.54
CA GLY B 138 34.24 11.78 -8.94
C GLY B 138 34.63 10.67 -9.89
N ASN B 139 33.67 10.22 -10.71
CA ASN B 139 33.81 9.06 -11.61
C ASN B 139 34.68 7.88 -11.12
N ARG B 140 34.53 7.56 -9.83
CA ARG B 140 35.17 6.43 -9.20
C ARG B 140 34.68 5.09 -9.75
N VAL B 141 33.40 5.02 -10.09
CA VAL B 141 32.77 3.86 -10.66
C VAL B 141 31.88 4.33 -11.80
N LYS B 142 31.44 3.40 -12.65
CA LYS B 142 30.39 3.75 -13.59
C LYS B 142 29.01 3.34 -13.05
N GLY B 143 27.98 3.57 -13.86
CA GLY B 143 26.62 3.46 -13.44
C GLY B 143 26.21 2.07 -12.99
N PRO B 144 26.53 1.03 -13.79
CA PRO B 144 26.15 -0.32 -13.38
C PRO B 144 26.65 -0.69 -12.00
N GLU B 145 27.93 -0.45 -11.71
CA GLU B 145 28.51 -0.75 -10.38
C GLU B 145 27.89 0.02 -9.23
N LYS B 146 27.63 1.31 -9.47
CA LYS B 146 26.85 2.20 -8.59
C LYS B 146 25.46 1.65 -8.25
N GLU B 147 24.69 1.34 -9.30
CA GLU B 147 23.34 0.88 -9.15
C GLU B 147 23.31 -0.43 -8.33
N GLU B 148 24.34 -1.26 -8.46
CA GLU B 148 24.36 -2.55 -7.78
C GLU B 148 24.73 -2.43 -6.29
N LYS B 149 25.59 -1.47 -5.96
CA LYS B 149 25.91 -1.13 -4.58
C LYS B 149 24.67 -0.56 -3.89
N LEU B 150 23.93 0.31 -4.57
CA LEU B 150 22.65 0.76 -4.03
C LEU B 150 21.70 -0.40 -3.77
N ARG B 151 21.52 -1.27 -4.77
CA ARG B 151 20.58 -2.40 -4.70
C ARG B 151 20.94 -3.35 -3.54
N GLN B 152 22.24 -3.56 -3.34
CA GLN B 152 22.73 -4.33 -2.21
C GLN B 152 22.59 -3.59 -0.91
N ALA B 153 22.67 -2.26 -0.92
CA ALA B 153 22.35 -1.42 0.27
C ALA B 153 20.90 -1.47 0.85
N VAL B 154 19.96 -1.66 -0.06
CA VAL B 154 18.54 -1.56 0.27
C VAL B 154 18.13 -2.90 0.83
N LYS B 155 17.84 -2.90 2.12
CA LYS B 155 17.70 -4.11 2.90
C LYS B 155 16.28 -4.50 3.08
N GLN B 156 15.41 -3.48 3.12
CA GLN B 156 13.95 -3.62 3.34
C GLN B 156 13.19 -2.56 2.53
N VAL B 157 12.06 -3.00 1.98
CA VAL B 157 11.09 -2.18 1.28
C VAL B 157 9.87 -2.43 2.15
N LEU B 158 9.33 -1.38 2.77
CA LEU B 158 8.33 -1.51 3.83
C LEU B 158 7.19 -0.58 3.65
N LYS B 159 6.02 -0.96 4.11
CA LYS B 159 4.90 -0.04 4.13
C LYS B 159 5.05 1.06 5.21
N CYS B 160 4.78 2.32 4.82
CA CYS B 160 4.92 3.45 5.70
C CYS B 160 3.65 4.33 5.71
N ASP B 161 3.43 5.00 6.83
CA ASP B 161 2.40 5.99 6.97
C ASP B 161 2.97 6.93 8.04
N VAL B 162 3.34 8.12 7.62
CA VAL B 162 4.01 9.04 8.49
C VAL B 162 3.09 9.67 9.53
N THR B 163 1.78 9.58 9.28
CA THR B 163 0.73 10.08 10.17
C THR B 163 0.42 9.15 11.36
N GLN B 164 1.12 8.02 11.45
CA GLN B 164 0.94 7.04 12.50
C GLN B 164 2.10 7.04 13.49
N SER B 165 1.79 6.91 14.78
CA SER B 165 2.81 7.05 15.81
C SER B 165 4.00 6.05 15.66
N GLN B 166 3.71 4.89 15.07
CA GLN B 166 4.73 3.96 14.61
C GLN B 166 4.63 3.91 13.10
N PRO B 167 5.39 4.78 12.40
CA PRO B 167 5.10 4.91 10.94
C PRO B 167 5.37 3.62 10.11
N LEU B 168 6.17 2.72 10.66
CA LEU B 168 6.43 1.44 10.05
C LEU B 168 5.63 0.28 10.72
N GLY B 169 4.66 0.65 11.55
CA GLY B 169 3.97 -0.30 12.46
C GLY B 169 4.92 -1.10 13.32
N ALA B 170 4.61 -2.39 13.37
CA ALA B 170 5.31 -3.34 14.24
C ALA B 170 6.56 -3.91 13.65
N VAL B 171 6.92 -3.47 12.44
CA VAL B 171 8.19 -3.93 11.88
C VAL B 171 9.36 -3.39 12.72
N PRO B 172 10.12 -4.32 13.34
CA PRO B 172 11.25 -4.00 14.21
C PRO B 172 12.49 -3.65 13.41
N LEU B 173 13.13 -2.56 13.79
CA LEU B 173 14.36 -2.10 13.13
C LEU B 173 15.19 -1.45 14.21
N PRO B 174 16.55 -1.53 14.10
CA PRO B 174 17.43 -0.78 15.01
C PRO B 174 17.22 0.73 14.83
N PRO B 175 17.43 1.53 15.90
CA PRO B 175 17.42 2.99 15.73
C PRO B 175 18.32 3.40 14.60
N ALA B 176 17.81 4.34 13.80
CA ALA B 176 18.45 4.71 12.55
C ALA B 176 19.40 5.87 12.80
N ASP B 177 20.40 5.96 11.94
CA ASP B 177 21.32 7.09 12.00
C ASP B 177 20.80 8.25 11.15
N CYS B 178 19.98 7.96 10.15
CA CYS B 178 19.41 9.03 9.32
C CYS B 178 18.03 8.64 8.92
N VAL B 179 17.14 9.62 8.91
CA VAL B 179 15.84 9.43 8.29
C VAL B 179 15.71 10.42 7.12
N LEU B 180 15.54 9.93 5.90
CA LEU B 180 15.42 10.82 4.71
C LEU B 180 13.92 10.88 4.24
N SER B 181 13.51 12.03 3.70
CA SER B 181 12.20 12.17 3.09
C SER B 181 12.26 13.29 1.98
N THR B 182 12.03 12.90 0.73
CA THR B 182 12.08 13.80 -0.40
C THR B 182 10.70 13.86 -1.04
N LEU B 183 10.14 15.05 -1.04
CA LEU B 183 8.92 15.32 -1.79
C LEU B 183 7.71 14.56 -1.21
N CYS B 184 7.78 14.20 0.07
CA CYS B 184 6.73 13.36 0.70
C CYS B 184 5.88 14.10 1.72
N LEU B 185 6.51 14.82 2.66
CA LEU B 185 5.74 15.30 3.82
C LEU B 185 4.71 16.33 3.41
N ASP B 186 5.08 17.16 2.44
CA ASP B 186 4.16 18.15 1.85
C ASP B 186 2.94 17.43 1.26
N ALA B 187 3.11 16.21 0.75
CA ALA B 187 2.02 15.49 0.12
C ALA B 187 1.23 14.66 1.14
N ALA B 188 1.91 14.17 2.17
CA ALA B 188 1.34 13.28 3.20
C ALA B 188 0.52 14.02 4.28
N CYS B 189 0.82 15.29 4.52
CA CYS B 189 0.36 15.98 5.72
C CYS B 189 -0.65 17.11 5.42
N PRO B 190 -1.92 16.90 5.79
CA PRO B 190 -2.95 17.86 5.42
C PRO B 190 -2.86 19.23 6.06
N ASP B 191 -2.11 19.35 7.14
CA ASP B 191 -1.99 20.60 7.87
C ASP B 191 -0.70 20.63 8.64
N LEU B 192 -0.42 21.78 9.21
CA LEU B 192 0.81 21.97 10.00
C LEU B 192 0.94 21.10 11.26
N PRO B 193 -0.13 20.95 12.07
CA PRO B 193 -0.18 19.95 13.19
C PRO B 193 0.14 18.52 12.80
N THR B 194 -0.45 18.02 11.70
CA THR B 194 -0.11 16.70 11.15
C THR B 194 1.35 16.63 10.74
N TYR B 195 1.80 17.68 10.09
CA TYR B 195 3.14 17.77 9.56
C TYR B 195 4.12 17.75 10.73
N CYS B 196 3.86 18.56 11.76
CA CYS B 196 4.70 18.56 12.94
C CYS B 196 4.66 17.20 13.63
N ARG B 197 3.49 16.58 13.73
N ARG B 197 3.48 16.58 13.73
CA ARG B 197 3.38 15.23 14.27
CA ARG B 197 3.37 15.23 14.27
C ARG B 197 4.08 14.18 13.43
C ARG B 197 4.11 14.19 13.42
N ALA B 198 4.01 14.30 12.10
CA ALA B 198 4.71 13.39 11.19
C ALA B 198 6.20 13.39 11.49
N LEU B 199 6.74 14.58 11.75
CA LEU B 199 8.17 14.72 12.05
C LEU B 199 8.53 14.11 13.42
N ARG B 200 7.63 14.21 14.38
CA ARG B 200 7.83 13.55 15.69
C ARG B 200 7.72 12.04 15.50
N ASN B 201 6.82 11.60 14.65
CA ASN B 201 6.70 10.18 14.35
C ASN B 201 7.99 9.62 13.69
N LEU B 202 8.56 10.39 12.76
CA LEU B 202 9.80 9.95 12.13
C LEU B 202 10.89 9.90 13.23
N GLY B 203 10.74 10.74 14.25
CA GLY B 203 11.80 10.85 15.29
C GLY B 203 12.00 9.57 16.08
N SER B 204 10.95 8.76 16.15
CA SER B 204 10.93 7.50 16.93
C SER B 204 11.79 6.41 16.25
N LEU B 205 12.09 6.60 14.98
CA LEU B 205 12.90 5.67 14.28
C LEU B 205 14.37 6.03 14.38
N LEU B 206 14.66 7.20 14.95
CA LEU B 206 16.01 7.74 15.05
C LEU B 206 16.64 7.58 16.44
N LYS B 207 17.93 7.25 16.47
CA LYS B 207 18.75 7.41 17.66
C LYS B 207 18.75 8.88 18.04
N PRO B 208 18.98 9.20 19.35
CA PRO B 208 19.24 10.61 19.68
C PRO B 208 20.47 11.15 18.92
N GLY B 209 20.41 12.43 18.55
CA GLY B 209 21.40 13.01 17.66
C GLY B 209 21.31 12.45 16.25
N GLY B 210 20.32 11.58 16.00
CA GLY B 210 20.16 10.99 14.66
C GLY B 210 19.88 12.12 13.65
N PHE B 211 20.26 11.93 12.39
CA PHE B 211 20.02 12.95 11.34
C PHE B 211 18.62 12.93 10.71
N LEU B 212 18.05 14.11 10.51
CA LEU B 212 16.84 14.23 9.70
C LEU B 212 17.13 15.05 8.46
N VAL B 213 16.90 14.47 7.29
CA VAL B 213 17.16 15.15 6.01
C VAL B 213 15.89 15.29 5.24
N ILE B 214 15.50 16.54 4.96
CA ILE B 214 14.23 16.80 4.32
C ILE B 214 14.42 17.72 3.13
N MET B 215 13.87 17.30 1.98
CA MET B 215 13.80 18.17 0.78
C MET B 215 12.34 18.22 0.31
N ASP B 216 11.84 19.42 0.06
CA ASP B 216 10.49 19.54 -0.40
C ASP B 216 10.20 20.88 -1.05
N ALA B 217 8.99 20.95 -1.60
CA ALA B 217 8.54 22.16 -2.27
C ALA B 217 8.02 23.20 -1.26
N LEU B 218 8.26 24.48 -1.61
CA LEU B 218 7.77 25.65 -0.86
C LEU B 218 6.55 26.29 -1.49
N LYS B 219 5.53 26.63 -0.67
CA LYS B 219 4.31 27.30 -1.10
C LYS B 219 3.59 26.65 -2.25
N SER B 220 3.52 25.34 -2.19
CA SER B 220 2.94 24.51 -3.23
C SER B 220 1.68 23.89 -2.68
N SER B 221 0.56 24.01 -3.36
CA SER B 221 -0.70 23.46 -2.82
C SER B 221 -1.27 22.27 -3.61
N TYR B 222 -0.62 21.95 -4.72
CA TYR B 222 -0.90 20.73 -5.52
C TYR B 222 0.34 20.35 -6.33
N TYR B 223 0.41 19.10 -6.74
CA TYR B 223 1.33 18.73 -7.84
C TYR B 223 0.60 17.77 -8.75
N MET B 224 0.98 17.77 -10.01
CA MET B 224 0.29 17.00 -11.00
C MET B 224 1.09 15.77 -11.37
N ILE B 225 0.37 14.66 -11.57
CA ILE B 225 0.85 13.56 -12.31
C ILE B 225 -0.04 13.45 -13.55
N GLY B 226 0.42 14.11 -14.62
CA GLY B 226 -0.30 14.28 -15.87
C GLY B 226 -1.43 15.25 -15.62
N GLU B 227 -2.66 14.73 -15.67
CA GLU B 227 -3.80 15.57 -15.43
C GLU B 227 -4.48 15.21 -14.10
N GLN B 228 -3.83 14.35 -13.33
CA GLN B 228 -4.27 13.95 -12.00
C GLN B 228 -3.67 14.90 -10.96
N LYS B 229 -4.53 15.59 -10.21
CA LYS B 229 -4.08 16.58 -9.24
C LYS B 229 -3.98 16.09 -7.80
N PHE B 230 -2.79 16.18 -7.23
CA PHE B 230 -2.62 15.75 -5.83
C PHE B 230 -2.34 16.93 -4.91
N SER B 231 -2.97 16.92 -3.73
CA SER B 231 -2.69 17.96 -2.76
C SER B 231 -1.24 18.07 -2.31
N SER B 232 -0.84 19.30 -2.06
CA SER B 232 0.33 19.58 -1.33
C SER B 232 0.03 20.60 -0.24
N LEU B 233 0.64 20.39 0.92
CA LEU B 233 0.66 21.41 1.97
C LEU B 233 1.56 22.57 1.59
N PRO B 234 0.99 23.77 1.45
CA PRO B 234 1.68 24.99 1.02
C PRO B 234 2.47 25.66 2.13
N LEU B 235 3.49 25.03 2.68
CA LEU B 235 4.36 25.69 3.69
C LEU B 235 5.42 26.58 3.09
N GLY B 236 5.65 27.73 3.74
CA GLY B 236 6.80 28.55 3.47
C GLY B 236 7.93 28.21 4.42
N ARG B 237 9.06 28.87 4.18
CA ARG B 237 10.33 28.68 4.85
C ARG B 237 10.24 28.72 6.39
N GLU B 238 9.39 29.63 6.93
CA GLU B 238 9.34 29.88 8.33
C GLU B 238 8.50 28.75 8.97
N ALA B 239 7.49 28.28 8.23
CA ALA B 239 6.63 27.26 8.74
C ALA B 239 7.37 25.91 8.84
N VAL B 240 8.27 25.63 7.89
CA VAL B 240 9.02 24.37 7.89
C VAL B 240 9.94 24.40 9.12
N GLU B 241 10.65 25.49 9.33
CA GLU B 241 11.61 25.61 10.42
C GLU B 241 10.97 25.44 11.79
N ALA B 242 9.86 26.16 11.97
CA ALA B 242 8.94 25.97 13.11
C ALA B 242 8.58 24.55 13.42
N ALA B 243 8.09 23.83 12.42
CA ALA B 243 7.65 22.45 12.62
C ALA B 243 8.82 21.52 12.92
N VAL B 244 10.00 21.79 12.37
CA VAL B 244 11.13 20.88 12.58
C VAL B 244 11.59 21.00 14.05
N LYS B 245 11.79 22.24 14.48
CA LYS B 245 12.16 22.60 15.81
C LYS B 245 11.17 22.09 16.87
N GLU B 246 9.88 22.35 16.67
CA GLU B 246 8.82 21.88 17.59
C GLU B 246 8.69 20.36 17.67
N ALA B 247 9.06 19.69 16.57
CA ALA B 247 9.10 18.25 16.55
C ALA B 247 10.27 17.64 17.31
N GLY B 248 11.18 18.47 17.80
CA GLY B 248 12.26 17.99 18.67
C GLY B 248 13.60 17.80 17.97
N TYR B 249 13.93 18.71 17.02
CA TYR B 249 15.18 18.64 16.24
C TYR B 249 15.82 19.99 16.28
N THR B 250 17.12 20.01 16.05
CA THR B 250 17.90 21.24 15.91
C THR B 250 18.43 21.22 14.48
N ILE B 251 18.21 22.31 13.77
CA ILE B 251 18.54 22.42 12.34
C ILE B 251 20.01 22.76 12.22
N GLU B 252 20.73 21.96 11.44
CA GLU B 252 22.14 22.18 11.14
C GLU B 252 22.29 23.09 9.93
N TRP B 253 21.48 22.86 8.92
N TRP B 253 21.60 22.76 8.82
CA TRP B 253 21.45 23.79 7.84
CA TRP B 253 21.53 23.67 7.65
C TRP B 253 20.16 23.74 7.06
C TRP B 253 20.12 23.75 7.12
N PHE B 254 19.86 24.85 6.41
CA PHE B 254 18.59 25.07 5.79
C PHE B 254 18.84 25.90 4.60
N GLU B 255 18.47 25.36 3.46
CA GLU B 255 18.65 26.13 2.26
C GLU B 255 17.43 26.21 1.37
N VAL B 256 17.34 27.31 0.64
CA VAL B 256 16.18 27.62 -0.18
C VAL B 256 16.65 28.00 -1.56
N ILE B 257 16.11 27.33 -2.58
CA ILE B 257 16.37 27.73 -3.95
C ILE B 257 15.08 28.26 -4.56
N SER B 258 15.23 29.17 -5.53
CA SER B 258 14.11 29.86 -6.14
C SER B 258 13.49 29.01 -7.25
N GLN B 259 14.24 28.01 -7.74
CA GLN B 259 13.85 27.12 -8.84
C GLN B 259 12.56 26.33 -8.58
N SER B 260 11.59 26.60 -9.43
CA SER B 260 10.28 26.02 -9.33
C SER B 260 9.95 25.04 -10.44
N TYR B 261 9.00 24.15 -10.17
CA TYR B 261 8.52 23.24 -11.20
C TYR B 261 7.82 24.05 -12.29
N SER B 262 7.59 23.39 -13.43
CA SER B 262 6.74 23.90 -14.48
C SER B 262 5.40 24.21 -13.87
N SER B 263 4.81 25.33 -14.29
CA SER B 263 3.42 25.70 -13.90
C SER B 263 2.51 24.48 -14.02
N THR B 264 2.81 23.62 -14.98
CA THR B 264 1.91 22.56 -15.34
C THR B 264 2.10 21.28 -14.49
N MET B 265 3.15 21.24 -13.66
CA MET B 265 3.34 20.16 -12.64
C MET B 265 3.00 20.67 -11.27
N ALA B 266 3.52 21.83 -10.93
CA ALA B 266 3.31 22.40 -9.60
C ALA B 266 3.26 23.92 -9.57
N ASN B 267 2.57 24.42 -8.56
CA ASN B 267 2.53 25.84 -8.33
C ASN B 267 3.43 26.19 -7.18
N ASN B 268 4.62 25.57 -7.11
CA ASN B 268 5.56 25.85 -6.01
C ASN B 268 6.33 27.14 -6.15
N GLU B 269 6.76 27.66 -5.02
CA GLU B 269 7.70 28.77 -5.03
C GLU B 269 9.11 28.39 -4.59
N GLY B 270 9.73 27.53 -5.39
CA GLY B 270 11.06 27.08 -5.05
C GLY B 270 11.03 25.86 -4.15
N LEU B 271 12.19 25.53 -3.59
CA LEU B 271 12.32 24.28 -2.85
C LEU B 271 13.23 24.48 -1.69
N PHE B 272 13.12 23.63 -0.69
CA PHE B 272 14.02 23.73 0.42
C PHE B 272 14.66 22.38 0.62
N SER B 273 15.80 22.43 1.29
CA SER B 273 16.39 21.25 1.87
C SER B 273 16.94 21.60 3.23
N LEU B 274 16.92 20.63 4.12
CA LEU B 274 17.44 20.80 5.49
C LEU B 274 18.11 19.55 6.03
N VAL B 275 19.06 19.79 6.90
CA VAL B 275 19.62 18.75 7.71
C VAL B 275 19.45 19.16 9.16
N ALA B 276 18.92 18.25 9.99
CA ALA B 276 18.59 18.51 11.39
C ALA B 276 19.05 17.33 12.26
N ARG B 277 19.32 17.55 13.54
CA ARG B 277 19.56 16.41 14.48
C ARG B 277 18.42 16.25 15.48
N LYS B 278 18.12 15.04 15.92
CA LYS B 278 17.09 14.80 16.94
C LYS B 278 17.71 15.22 18.28
N LEU B 279 16.99 16.01 19.07
CA LEU B 279 17.48 16.53 20.37
C LEU B 279 17.27 15.50 21.48
N PHE C 24 -27.62 9.51 -6.38
CA PHE C 24 -27.95 10.94 -6.10
C PHE C 24 -29.40 11.22 -6.46
N THR C 25 -30.11 11.98 -5.62
CA THR C 25 -31.50 12.30 -5.89
C THR C 25 -31.65 13.08 -7.20
N SER C 26 -32.41 12.55 -8.16
CA SER C 26 -32.69 13.31 -9.39
C SER C 26 -33.70 14.44 -9.14
N LYS C 27 -33.63 15.48 -9.98
CA LYS C 27 -34.41 16.71 -9.76
C LYS C 27 -35.91 16.41 -9.92
N ASP C 28 -36.21 15.35 -10.65
CA ASP C 28 -37.55 14.87 -10.83
C ASP C 28 -38.05 14.09 -9.63
N THR C 29 -37.14 13.56 -8.82
CA THR C 29 -37.53 12.97 -7.55
C THR C 29 -37.99 14.09 -6.61
N TYR C 30 -37.50 15.32 -6.82
CA TYR C 30 -38.07 16.47 -6.12
C TYR C 30 -39.53 16.73 -6.51
N LEU C 31 -39.84 16.50 -7.80
CA LEU C 31 -41.23 16.63 -8.33
C LEU C 31 -42.20 15.63 -7.68
N SER C 32 -41.73 14.39 -7.54
CA SER C 32 -42.48 13.28 -6.98
C SER C 32 -42.44 13.10 -5.47
N HIS C 33 -41.27 13.35 -4.86
CA HIS C 33 -41.06 12.95 -3.46
C HIS C 33 -40.83 14.09 -2.46
N PHE C 34 -40.64 15.33 -2.93
CA PHE C 34 -40.41 16.45 -2.03
C PHE C 34 -41.72 17.10 -1.62
N ASN C 35 -42.14 16.85 -0.38
CA ASN C 35 -43.39 17.41 0.21
C ASN C 35 -43.16 18.74 0.88
N PRO C 36 -43.46 19.85 0.19
CA PRO C 36 -43.15 21.11 0.79
C PRO C 36 -43.74 21.33 2.19
N ARG C 37 -44.91 20.77 2.49
CA ARG C 37 -45.52 20.93 3.83
C ARG C 37 -44.75 20.20 4.93
N ASP C 38 -44.33 18.95 4.67
CA ASP C 38 -43.48 18.20 5.63
C ASP C 38 -42.12 18.88 5.81
N TYR C 39 -41.53 19.36 4.73
CA TYR C 39 -40.30 20.15 4.76
C TYR C 39 -40.32 21.34 5.75
N LEU C 40 -41.38 22.13 5.67
CA LEU C 40 -41.56 23.27 6.55
C LEU C 40 -41.71 22.87 8.00
N GLU C 41 -42.56 21.88 8.25
CA GLU C 41 -42.82 21.48 9.62
C GLU C 41 -41.55 20.91 10.26
N LYS C 42 -40.72 20.30 9.43
CA LYS C 42 -39.49 19.67 9.90
C LYS C 42 -38.31 20.66 10.19
N TYR C 43 -38.16 21.67 9.35
CA TYR C 43 -36.99 22.57 9.47
C TYR C 43 -37.31 23.99 9.90
N TYR C 44 -38.58 24.39 9.82
CA TYR C 44 -38.95 25.79 9.93
C TYR C 44 -40.10 26.19 10.88
N LYS C 45 -40.58 25.31 11.74
CA LYS C 45 -41.44 25.84 12.81
C LYS C 45 -40.68 26.11 14.10
N SER C 51 -33.49 23.12 19.87
CA SER C 51 -33.52 22.38 18.61
C SER C 51 -32.32 22.76 17.71
N ALA C 52 -31.55 21.79 17.26
CA ALA C 52 -30.44 22.05 16.31
C ALA C 52 -30.91 22.73 14.98
N GLU C 53 -32.13 22.37 14.52
CA GLU C 53 -32.78 22.98 13.35
C GLU C 53 -33.17 24.40 13.63
N SER C 54 -33.53 24.64 14.89
CA SER C 54 -33.90 25.96 15.30
C SER C 54 -32.66 26.86 15.39
N GLN C 55 -31.52 26.28 15.82
CA GLN C 55 -30.21 26.97 15.87
C GLN C 55 -29.64 27.42 14.48
N ILE C 56 -29.68 26.50 13.52
CA ILE C 56 -29.39 26.77 12.14
C ILE C 56 -30.26 27.89 11.57
N LEU C 57 -31.59 27.81 11.71
CA LEU C 57 -32.46 28.90 11.26
C LEU C 57 -32.01 30.26 11.78
N LYS C 58 -31.81 30.36 13.10
CA LYS C 58 -31.41 31.61 13.77
C LYS C 58 -30.16 32.19 13.12
N HIS C 59 -29.15 31.33 12.92
CA HIS C 59 -27.90 31.65 12.27
C HIS C 59 -28.06 32.07 10.78
N LEU C 60 -28.90 31.35 10.04
CA LEU C 60 -29.27 31.78 8.69
C LEU C 60 -29.84 33.18 8.69
N LEU C 61 -30.83 33.41 9.56
CA LEU C 61 -31.48 34.73 9.66
C LEU C 61 -30.52 35.87 10.02
N LYS C 62 -29.62 35.60 10.96
CA LYS C 62 -28.70 36.60 11.49
C LYS C 62 -27.71 36.96 10.42
N ASN C 63 -27.29 35.94 9.65
CA ASN C 63 -26.39 36.18 8.52
C ASN C 63 -27.07 36.92 7.38
N LEU C 64 -28.33 36.61 7.09
CA LEU C 64 -29.06 37.35 6.03
C LEU C 64 -29.29 38.83 6.42
N PHE C 65 -29.55 39.05 7.72
CA PHE C 65 -29.67 40.38 8.31
C PHE C 65 -28.31 41.08 8.17
N LYS C 66 -27.25 40.48 8.69
CA LYS C 66 -25.91 41.05 8.53
C LYS C 66 -25.68 41.47 7.08
N ILE C 67 -25.93 40.56 6.14
CA ILE C 67 -25.59 40.76 4.71
C ILE C 67 -26.39 41.86 4.02
N PHE C 68 -27.70 41.84 4.20
CA PHE C 68 -28.56 42.76 3.44
C PHE C 68 -28.78 44.05 4.22
N CYS C 69 -28.83 43.96 5.55
CA CYS C 69 -29.07 45.15 6.37
C CYS C 69 -27.84 45.86 6.92
N LEU C 70 -26.82 45.11 7.33
CA LEU C 70 -25.62 45.70 7.97
C LEU C 70 -24.57 46.03 6.92
N ASP C 71 -24.26 45.07 6.06
CA ASP C 71 -23.31 45.25 5.00
C ASP C 71 -24.03 45.92 3.81
N GLY C 72 -23.28 46.18 2.73
CA GLY C 72 -23.87 46.96 1.64
C GLY C 72 -24.47 46.18 0.47
N VAL C 73 -25.24 45.15 0.78
CA VAL C 73 -25.80 44.30 -0.29
C VAL C 73 -27.23 44.75 -0.62
N LYS C 74 -27.29 45.63 -1.61
CA LYS C 74 -28.47 46.39 -2.02
C LYS C 74 -28.51 46.41 -3.54
N GLY C 75 -29.66 46.74 -4.09
CA GLY C 75 -29.79 46.94 -5.52
C GLY C 75 -31.25 46.98 -5.78
N ASP C 76 -31.62 46.83 -7.04
CA ASP C 76 -33.01 46.91 -7.48
C ASP C 76 -33.61 45.53 -7.52
N LEU C 77 -32.91 44.61 -8.16
CA LEU C 77 -33.42 43.25 -8.35
C LEU C 77 -32.48 42.20 -7.77
N LEU C 78 -33.08 41.38 -6.90
CA LEU C 78 -32.54 40.12 -6.40
C LEU C 78 -33.33 38.93 -6.94
N ILE C 79 -32.60 37.88 -7.31
CA ILE C 79 -33.17 36.58 -7.64
C ILE C 79 -32.92 35.54 -6.52
N ASP C 80 -33.98 34.97 -5.97
CA ASP C 80 -33.78 33.89 -5.06
C ASP C 80 -33.85 32.60 -5.86
N ILE C 81 -32.81 31.78 -5.75
CA ILE C 81 -32.67 30.58 -6.53
C ILE C 81 -32.77 29.35 -5.65
N GLY C 82 -33.76 28.52 -5.95
CA GLY C 82 -34.04 27.34 -5.19
C GLY C 82 -34.80 27.67 -3.94
N SER C 83 -35.69 28.67 -4.03
CA SER C 83 -36.49 29.19 -2.93
C SER C 83 -37.23 28.08 -2.16
N GLY C 84 -37.72 27.06 -2.90
CA GLY C 84 -38.59 26.01 -2.32
C GLY C 84 -39.92 26.58 -1.84
N PRO C 85 -40.43 26.10 -0.68
CA PRO C 85 -41.66 26.67 -0.12
C PRO C 85 -41.32 27.71 0.95
N THR C 86 -40.10 28.26 0.96
CA THR C 86 -39.67 29.07 2.12
C THR C 86 -39.47 30.53 1.81
N ILE C 87 -39.73 31.38 2.81
CA ILE C 87 -39.55 32.81 2.66
C ILE C 87 -38.62 33.39 3.67
N TYR C 88 -38.16 32.60 4.65
CA TYR C 88 -37.29 33.16 5.69
C TYR C 88 -36.04 33.88 5.09
N GLN C 89 -35.55 33.38 3.96
CA GLN C 89 -34.37 33.98 3.29
C GLN C 89 -34.62 35.30 2.59
N LEU C 90 -35.89 35.70 2.45
CA LEU C 90 -36.17 36.95 1.71
C LEU C 90 -36.54 38.11 2.61
N LEU C 91 -36.72 37.81 3.89
CA LEU C 91 -37.19 38.81 4.85
C LEU C 91 -36.25 40.01 5.06
N SER C 92 -34.97 39.81 5.37
CA SER C 92 -34.07 40.98 5.42
C SER C 92 -33.80 41.50 4.04
N ALA C 93 -33.78 40.63 3.01
CA ALA C 93 -33.51 41.11 1.63
C ALA C 93 -34.54 42.11 1.10
N CYS C 94 -35.78 42.02 1.55
CA CYS C 94 -36.82 42.92 1.02
C CYS C 94 -36.58 44.37 1.47
N GLU C 95 -35.85 44.54 2.57
CA GLU C 95 -35.34 45.83 3.01
C GLU C 95 -34.35 46.47 2.08
N SER C 96 -33.67 45.68 1.25
CA SER C 96 -32.54 46.21 0.50
C SER C 96 -32.77 46.12 -0.99
N PHE C 97 -33.70 45.27 -1.38
CA PHE C 97 -34.00 45.08 -2.80
C PHE C 97 -35.46 45.43 -3.13
N LYS C 98 -35.65 46.25 -4.17
CA LYS C 98 -36.96 46.77 -4.54
C LYS C 98 -37.82 45.70 -5.18
N GLU C 99 -37.18 44.78 -5.89
CA GLU C 99 -37.82 43.73 -6.63
C GLU C 99 -37.11 42.39 -6.33
N ILE C 100 -37.92 41.36 -6.05
CA ILE C 100 -37.46 40.01 -5.74
C ILE C 100 -38.17 39.03 -6.63
N VAL C 101 -37.40 38.17 -7.30
CA VAL C 101 -37.96 37.06 -8.07
C VAL C 101 -37.58 35.80 -7.30
N VAL C 102 -38.57 34.99 -6.90
CA VAL C 102 -38.38 33.68 -6.30
C VAL C 102 -38.47 32.59 -7.37
N THR C 103 -37.64 31.56 -7.24
CA THR C 103 -37.54 30.51 -8.27
C THR C 103 -37.23 29.12 -7.69
N ASP C 104 -37.76 28.07 -8.31
CA ASP C 104 -37.48 26.71 -7.85
C ASP C 104 -37.73 25.73 -8.97
N TYR C 105 -37.20 24.53 -8.85
CA TYR C 105 -37.44 23.50 -9.88
C TYR C 105 -38.86 22.95 -9.70
N SER C 106 -39.25 22.82 -8.44
CA SER C 106 -40.48 22.19 -8.10
C SER C 106 -41.61 23.19 -8.07
N ASP C 107 -42.50 23.09 -9.07
CA ASP C 107 -43.71 23.91 -9.09
C ASP C 107 -44.59 23.67 -7.85
N GLN C 108 -44.58 22.46 -7.31
CA GLN C 108 -45.31 22.22 -6.07
C GLN C 108 -44.74 23.05 -4.88
N ASN C 109 -43.42 23.24 -4.85
CA ASN C 109 -42.80 24.07 -3.82
C ASN C 109 -43.17 25.52 -4.01
N LEU C 110 -43.20 25.96 -5.26
CA LEU C 110 -43.56 27.33 -5.54
C LEU C 110 -45.03 27.58 -5.18
N GLN C 111 -45.88 26.59 -5.41
CA GLN C 111 -47.26 26.72 -4.98
C GLN C 111 -47.44 26.91 -3.47
N GLU C 112 -46.59 26.26 -2.68
CA GLU C 112 -46.64 26.43 -1.22
C GLU C 112 -46.11 27.82 -0.83
N LEU C 113 -45.05 28.25 -1.51
CA LEU C 113 -44.55 29.61 -1.32
C LEU C 113 -45.68 30.64 -1.63
N GLU C 114 -46.35 30.48 -2.77
CA GLU C 114 -47.44 31.34 -3.23
C GLU C 114 -48.64 31.43 -2.30
N LYS C 115 -48.93 30.35 -1.59
CA LYS C 115 -49.92 30.38 -0.52
C LYS C 115 -49.59 31.40 0.55
N TRP C 116 -48.32 31.42 1.00
CA TRP C 116 -47.86 32.42 1.93
C TRP C 116 -47.96 33.83 1.34
N LEU C 117 -47.51 33.99 0.10
CA LEU C 117 -47.51 35.28 -0.57
C LEU C 117 -48.94 35.80 -0.66
N LYS C 118 -49.86 34.90 -1.00
CA LYS C 118 -51.24 35.23 -1.21
C LYS C 118 -51.98 35.35 0.12
N ALA C 119 -51.35 34.88 1.20
CA ALA C 119 -51.94 34.74 2.53
C ALA C 119 -53.17 33.86 2.45
N ALA C 120 -52.99 32.69 1.83
CA ALA C 120 -54.09 31.74 1.64
C ALA C 120 -54.26 30.94 2.92
N PRO C 121 -55.43 30.31 3.12
CA PRO C 121 -55.69 29.79 4.48
C PRO C 121 -54.61 28.82 4.96
N ALA C 122 -54.15 27.97 4.05
CA ALA C 122 -53.19 26.95 4.36
C ALA C 122 -51.73 27.42 4.12
N ALA C 123 -51.48 28.72 4.17
CA ALA C 123 -50.10 29.24 4.22
C ALA C 123 -49.39 28.79 5.50
N PHE C 124 -48.08 28.55 5.38
CA PHE C 124 -47.28 28.20 6.56
C PHE C 124 -47.17 29.35 7.55
N ASP C 125 -47.08 29.00 8.82
CA ASP C 125 -46.88 30.02 9.84
C ASP C 125 -45.42 30.43 10.03
N TRP C 126 -45.06 31.52 9.35
CA TRP C 126 -43.75 32.17 9.41
C TRP C 126 -43.69 33.25 10.48
N SER C 127 -44.80 33.46 11.20
CA SER C 127 -44.87 34.44 12.31
C SER C 127 -43.65 34.47 13.21
N PRO C 128 -43.31 33.33 13.83
CA PRO C 128 -42.09 33.32 14.71
C PRO C 128 -40.75 33.75 14.04
N VAL C 129 -40.56 33.38 12.76
CA VAL C 129 -39.42 33.79 11.97
C VAL C 129 -39.49 35.29 11.72
N VAL C 130 -40.67 35.75 11.32
CA VAL C 130 -40.93 37.17 11.07
C VAL C 130 -40.60 38.01 12.30
N THR C 131 -41.07 37.56 13.47
CA THR C 131 -40.84 38.27 14.75
C THR C 131 -39.33 38.38 15.02
N TYR C 132 -38.61 37.29 14.79
CA TYR C 132 -37.18 37.24 15.04
C TYR C 132 -36.46 38.21 14.10
N VAL C 133 -36.85 38.27 12.83
CA VAL C 133 -36.21 39.22 11.93
C VAL C 133 -36.54 40.68 12.27
N CYS C 134 -37.84 40.99 12.43
CA CYS C 134 -38.28 42.27 12.98
C CYS C 134 -37.45 42.68 14.20
N ASP C 135 -37.29 41.74 15.16
CA ASP C 135 -36.51 41.98 16.38
C ASP C 135 -35.07 42.37 16.00
N LEU C 136 -34.45 41.60 15.10
CA LEU C 136 -33.09 41.84 14.61
C LEU C 136 -32.96 43.18 13.88
N GLU C 137 -34.03 43.61 13.23
CA GLU C 137 -34.00 44.89 12.53
C GLU C 137 -34.28 46.11 13.45
N GLY C 138 -34.49 45.80 14.73
CA GLY C 138 -34.68 46.81 15.77
C GLY C 138 -36.11 47.28 15.77
N ASN C 139 -37.02 46.30 15.62
CA ASN C 139 -38.45 46.49 15.79
C ASN C 139 -39.00 47.81 15.23
N ARG C 140 -38.43 48.24 14.10
CA ARG C 140 -38.86 49.45 13.40
C ARG C 140 -40.26 49.28 12.85
N VAL C 141 -40.54 48.04 12.44
CA VAL C 141 -41.80 47.62 11.83
C VAL C 141 -42.29 46.41 12.62
N LYS C 142 -43.56 46.05 12.46
CA LYS C 142 -44.11 44.88 13.14
C LYS C 142 -44.41 43.79 12.09
N GLY C 143 -44.79 42.60 12.58
CA GLY C 143 -45.11 41.42 11.78
C GLY C 143 -45.85 41.67 10.48
N PRO C 144 -47.13 42.11 10.56
CA PRO C 144 -47.95 42.42 9.39
C PRO C 144 -47.21 43.31 8.37
N GLU C 145 -46.55 44.35 8.84
CA GLU C 145 -45.91 45.32 7.98
C GLU C 145 -44.62 44.78 7.32
N LYS C 146 -43.95 43.86 8.01
CA LYS C 146 -42.81 43.14 7.48
C LYS C 146 -43.27 42.20 6.36
N GLU C 147 -44.19 41.32 6.71
CA GLU C 147 -44.78 40.38 5.77
C GLU C 147 -45.28 41.07 4.50
N GLU C 148 -45.80 42.28 4.67
CA GLU C 148 -46.39 43.06 3.59
C GLU C 148 -45.34 43.71 2.69
N LYS C 149 -44.26 44.18 3.29
CA LYS C 149 -43.08 44.63 2.53
C LYS C 149 -42.48 43.51 1.63
N LEU C 150 -42.46 42.27 2.12
CA LEU C 150 -41.99 41.10 1.35
C LEU C 150 -42.97 40.79 0.23
N ARG C 151 -44.25 40.72 0.59
CA ARG C 151 -45.33 40.50 -0.39
C ARG C 151 -45.34 41.50 -1.56
N GLN C 152 -44.94 42.74 -1.29
CA GLN C 152 -44.85 43.77 -2.36
C GLN C 152 -43.58 43.69 -3.22
N ALA C 153 -42.51 43.19 -2.61
CA ALA C 153 -41.22 42.94 -3.23
C ALA C 153 -41.22 41.80 -4.28
N VAL C 154 -41.88 40.68 -4.02
CA VAL C 154 -41.87 39.55 -4.93
C VAL C 154 -42.65 39.86 -6.25
N LYS C 155 -41.92 40.18 -7.31
CA LYS C 155 -42.55 40.53 -8.57
C LYS C 155 -42.88 39.28 -9.39
N GLN C 156 -42.07 38.22 -9.28
CA GLN C 156 -42.33 36.94 -9.96
C GLN C 156 -41.94 35.67 -9.19
N VAL C 157 -42.57 34.59 -9.63
CA VAL C 157 -42.43 33.26 -9.11
C VAL C 157 -42.16 32.39 -10.34
N LEU C 158 -40.89 31.99 -10.56
CA LEU C 158 -40.52 31.26 -11.80
C LEU C 158 -39.92 29.88 -11.56
N LYS C 159 -40.27 28.92 -12.42
CA LYS C 159 -39.48 27.71 -12.65
C LYS C 159 -38.01 28.05 -12.89
N CYS C 160 -37.10 27.33 -12.23
CA CYS C 160 -35.69 27.47 -12.62
C CYS C 160 -35.06 26.13 -12.52
N ASP C 161 -33.93 25.96 -13.17
CA ASP C 161 -33.12 24.79 -12.97
C ASP C 161 -31.70 25.25 -13.02
N VAL C 162 -31.01 25.17 -11.88
CA VAL C 162 -29.62 25.65 -11.77
C VAL C 162 -28.61 24.94 -12.65
N THR C 163 -28.98 23.75 -13.12
CA THR C 163 -28.02 22.99 -13.92
C THR C 163 -28.10 23.40 -15.39
N GLN C 164 -29.02 24.29 -15.74
CA GLN C 164 -29.23 24.67 -17.14
C GLN C 164 -28.58 26.01 -17.39
N SER C 165 -27.95 26.17 -18.55
CA SER C 165 -27.20 27.40 -18.85
C SER C 165 -28.09 28.64 -18.85
N GLN C 166 -29.36 28.50 -19.22
CA GLN C 166 -30.41 29.49 -18.90
C GLN C 166 -31.28 28.92 -17.82
N PRO C 167 -30.95 29.26 -16.55
CA PRO C 167 -31.66 28.64 -15.43
C PRO C 167 -33.16 28.95 -15.42
N LEU C 168 -33.55 30.08 -16.01
CA LEU C 168 -34.97 30.47 -16.08
C LEU C 168 -35.63 30.11 -17.41
N GLY C 169 -34.87 29.39 -18.24
CA GLY C 169 -35.34 28.93 -19.51
C GLY C 169 -35.60 30.16 -20.35
N ALA C 170 -36.84 30.22 -20.85
CA ALA C 170 -37.26 31.26 -21.79
C ALA C 170 -37.37 32.64 -21.14
N VAL C 171 -37.86 32.67 -19.88
CA VAL C 171 -38.25 33.92 -19.20
C VAL C 171 -37.13 34.95 -19.11
N PRO C 172 -37.31 36.11 -19.78
CA PRO C 172 -36.29 37.17 -19.85
C PRO C 172 -36.37 38.17 -18.68
N LEU C 173 -35.29 38.32 -17.92
CA LEU C 173 -35.24 39.27 -16.82
C LEU C 173 -34.11 40.25 -17.05
N PRO C 174 -34.27 41.51 -16.57
CA PRO C 174 -33.19 42.50 -16.35
C PRO C 174 -32.02 41.90 -15.58
N PRO C 175 -30.78 42.15 -16.01
CA PRO C 175 -29.72 41.59 -15.18
C PRO C 175 -29.87 42.04 -13.72
N ALA C 176 -29.73 41.07 -12.80
CA ALA C 176 -30.02 41.27 -11.37
C ALA C 176 -28.78 41.84 -10.63
N ASP C 177 -29.04 42.48 -9.51
CA ASP C 177 -27.98 43.06 -8.66
C ASP C 177 -27.47 42.03 -7.65
N CYS C 178 -28.34 41.10 -7.31
CA CYS C 178 -28.02 40.01 -6.43
C CYS C 178 -28.74 38.71 -6.79
N VAL C 179 -28.03 37.59 -6.60
CA VAL C 179 -28.54 36.28 -6.76
C VAL C 179 -28.27 35.61 -5.41
N LEU C 180 -29.34 35.14 -4.82
CA LEU C 180 -29.33 34.50 -3.51
C LEU C 180 -29.74 33.00 -3.68
N SER C 181 -29.17 32.12 -2.89
CA SER C 181 -29.55 30.72 -2.96
C SER C 181 -29.23 30.12 -1.62
N THR C 182 -30.26 29.64 -0.94
CA THR C 182 -30.09 28.96 0.31
C THR C 182 -30.47 27.50 0.30
N LEU C 183 -29.51 26.66 0.69
CA LEU C 183 -29.74 25.24 0.97
C LEU C 183 -30.20 24.53 -0.24
N CYS C 184 -29.77 25.07 -1.38
CA CYS C 184 -30.15 24.62 -2.71
C CYS C 184 -28.99 24.01 -3.48
N LEU C 185 -27.90 24.77 -3.69
CA LEU C 185 -26.80 24.30 -4.56
C LEU C 185 -26.26 22.92 -4.13
N ASP C 186 -26.08 22.66 -2.83
CA ASP C 186 -25.63 21.31 -2.43
C ASP C 186 -26.61 20.20 -2.84
N ALA C 187 -27.92 20.46 -2.74
CA ALA C 187 -28.98 19.47 -3.09
C ALA C 187 -29.12 19.20 -4.60
N ALA C 188 -28.83 20.22 -5.40
CA ALA C 188 -29.12 20.19 -6.84
C ALA C 188 -27.96 19.61 -7.66
N CYS C 189 -26.76 19.57 -7.05
CA CYS C 189 -25.56 19.14 -7.75
C CYS C 189 -25.00 17.79 -7.22
N PRO C 190 -24.94 16.76 -8.11
CA PRO C 190 -24.43 15.42 -7.72
C PRO C 190 -22.92 15.37 -7.55
N ASP C 191 -22.27 16.44 -7.99
CA ASP C 191 -20.81 16.50 -8.02
C ASP C 191 -20.33 17.94 -8.12
N LEU C 192 -19.02 18.11 -7.91
CA LEU C 192 -18.42 19.43 -7.86
C LEU C 192 -18.41 20.15 -9.21
N PRO C 193 -18.12 19.43 -10.33
CA PRO C 193 -18.27 20.05 -11.65
C PRO C 193 -19.64 20.72 -11.86
N THR C 194 -20.72 20.03 -11.45
CA THR C 194 -22.09 20.51 -11.65
C THR C 194 -22.38 21.68 -10.73
N TYR C 195 -21.88 21.60 -9.52
CA TYR C 195 -21.87 22.73 -8.60
C TYR C 195 -21.28 24.02 -9.23
N CYS C 196 -20.12 23.86 -9.86
CA CYS C 196 -19.41 24.95 -10.49
C CYS C 196 -20.20 25.49 -11.69
N ARG C 197 -20.76 24.59 -12.49
CA ARG C 197 -21.52 24.92 -13.69
C ARG C 197 -22.74 25.70 -13.30
N ALA C 198 -23.50 25.20 -12.31
CA ALA C 198 -24.61 25.94 -11.69
C ALA C 198 -24.29 27.39 -11.28
N LEU C 199 -23.11 27.61 -10.68
CA LEU C 199 -22.64 28.92 -10.26
C LEU C 199 -22.41 29.83 -11.49
N ARG C 200 -21.73 29.31 -12.53
CA ARG C 200 -21.67 30.05 -13.81
C ARG C 200 -23.06 30.38 -14.34
N ASN C 201 -23.96 29.40 -14.32
CA ASN C 201 -25.33 29.60 -14.83
C ASN C 201 -26.08 30.70 -14.05
N LEU C 202 -25.97 30.67 -12.72
CA LEU C 202 -26.54 31.72 -11.87
C LEU C 202 -25.98 33.08 -12.25
N GLY C 203 -24.74 33.13 -12.69
CA GLY C 203 -24.11 34.41 -12.96
C GLY C 203 -24.61 35.00 -14.27
N SER C 204 -25.22 34.18 -15.12
CA SER C 204 -25.80 34.74 -16.34
C SER C 204 -26.99 35.63 -16.04
N LEU C 205 -27.55 35.45 -14.83
CA LEU C 205 -28.69 36.24 -14.35
C LEU C 205 -28.22 37.56 -13.69
N LEU C 206 -26.90 37.69 -13.49
CA LEU C 206 -26.28 38.74 -12.70
C LEU C 206 -25.62 39.73 -13.58
N LYS C 207 -25.63 40.99 -13.15
CA LYS C 207 -24.88 42.08 -13.76
C LYS C 207 -23.38 41.91 -13.41
N PRO C 208 -22.45 42.43 -14.24
CA PRO C 208 -21.04 42.40 -13.79
C PRO C 208 -20.86 43.15 -12.47
N GLY C 209 -20.15 42.60 -11.49
CA GLY C 209 -20.03 43.28 -10.19
C GLY C 209 -21.24 43.04 -9.27
N GLY C 210 -22.27 42.41 -9.82
CA GLY C 210 -23.39 41.84 -9.05
C GLY C 210 -22.96 40.87 -7.97
N PHE C 211 -23.80 40.75 -6.94
CA PHE C 211 -23.53 39.93 -5.73
C PHE C 211 -24.13 38.52 -5.82
N LEU C 212 -23.34 37.57 -5.33
CA LEU C 212 -23.83 36.22 -5.16
C LEU C 212 -23.79 35.91 -3.69
N VAL C 213 -24.90 35.42 -3.16
CA VAL C 213 -25.04 35.07 -1.74
C VAL C 213 -25.51 33.63 -1.67
N ILE C 214 -24.71 32.79 -1.01
CA ILE C 214 -24.95 31.36 -0.87
C ILE C 214 -24.77 31.03 0.58
N MET C 215 -25.63 30.18 1.09
CA MET C 215 -25.53 29.60 2.41
C MET C 215 -25.95 28.20 2.14
N ASP C 216 -25.16 27.26 2.65
CA ASP C 216 -25.43 25.84 2.44
C ASP C 216 -24.64 24.98 3.41
N ALA C 217 -24.87 23.69 3.35
CA ALA C 217 -24.22 22.81 4.31
C ALA C 217 -22.77 22.51 3.92
N LEU C 218 -21.97 22.15 4.94
CA LEU C 218 -20.70 21.51 4.71
C LEU C 218 -20.67 20.05 5.09
N LYS C 219 -20.03 19.25 4.22
CA LYS C 219 -19.76 17.82 4.41
C LYS C 219 -21.03 16.99 4.69
N SER C 220 -22.10 17.37 4.03
CA SER C 220 -23.39 16.72 4.13
C SER C 220 -23.66 15.89 2.86
N SER C 221 -24.13 14.67 3.03
CA SER C 221 -24.57 13.83 1.91
C SER C 221 -26.09 13.53 1.93
N TYR C 222 -26.77 13.89 2.99
CA TYR C 222 -28.24 13.81 2.94
C TYR C 222 -28.94 14.80 3.84
N TYR C 223 -30.20 15.06 3.55
CA TYR C 223 -31.10 15.61 4.55
C TYR C 223 -32.42 14.86 4.47
N MET C 224 -33.10 14.79 5.61
CA MET C 224 -34.27 13.95 5.73
C MET C 224 -35.50 14.85 5.69
N ILE C 225 -36.53 14.40 4.96
CA ILE C 225 -37.86 14.92 5.20
C ILE C 225 -38.69 13.71 5.60
N GLY C 226 -39.02 13.64 6.89
CA GLY C 226 -39.61 12.41 7.45
C GLY C 226 -38.68 11.27 7.14
N GLU C 227 -39.18 10.28 6.40
CA GLU C 227 -38.38 9.08 5.97
C GLU C 227 -37.76 9.21 4.58
N GLN C 228 -38.11 10.28 3.87
CA GLN C 228 -37.51 10.62 2.58
C GLN C 228 -36.09 11.13 2.73
N LYS C 229 -35.15 10.45 2.08
CA LYS C 229 -33.73 10.80 2.14
C LYS C 229 -33.39 11.55 0.87
N PHE C 230 -33.06 12.81 1.03
CA PHE C 230 -32.66 13.60 -0.13
C PHE C 230 -31.16 13.69 -0.12
N SER C 231 -30.57 13.69 -1.29
CA SER C 231 -29.12 13.74 -1.40
C SER C 231 -28.61 15.17 -1.26
N SER C 232 -27.38 15.27 -0.84
CA SER C 232 -26.66 16.51 -0.76
C SER C 232 -25.22 16.23 -1.19
N LEU C 233 -24.56 17.23 -1.76
CA LEU C 233 -23.12 17.06 -2.11
C LEU C 233 -22.27 17.32 -0.85
N PRO C 234 -21.41 16.37 -0.44
CA PRO C 234 -20.61 16.63 0.79
C PRO C 234 -19.31 17.47 0.64
N LEU C 235 -19.43 18.68 0.07
CA LEU C 235 -18.38 19.71 -0.08
C LEU C 235 -17.80 20.24 1.18
N GLY C 236 -16.47 20.32 1.23
CA GLY C 236 -15.76 21.17 2.20
C GLY C 236 -15.61 22.59 1.74
N ARG C 237 -15.24 23.46 2.69
CA ARG C 237 -14.91 24.85 2.51
C ARG C 237 -14.07 25.13 1.27
N GLU C 238 -13.03 24.34 1.07
CA GLU C 238 -12.12 24.61 0.01
C GLU C 238 -12.76 24.29 -1.33
N ALA C 239 -13.63 23.28 -1.41
CA ALA C 239 -14.23 22.94 -2.69
C ALA C 239 -15.27 24.00 -3.09
N VAL C 240 -15.94 24.60 -2.12
CA VAL C 240 -16.86 25.72 -2.38
C VAL C 240 -16.16 26.92 -3.02
N GLU C 241 -15.08 27.31 -2.38
CA GLU C 241 -14.25 28.43 -2.79
C GLU C 241 -13.70 28.20 -4.22
N ALA C 242 -13.05 27.05 -4.44
CA ALA C 242 -12.61 26.66 -5.79
C ALA C 242 -13.74 26.71 -6.85
N ALA C 243 -14.89 26.12 -6.52
CA ALA C 243 -16.00 26.13 -7.45
C ALA C 243 -16.42 27.56 -7.77
N VAL C 244 -16.38 28.41 -6.74
CA VAL C 244 -16.91 29.76 -6.81
C VAL C 244 -15.95 30.63 -7.66
N LYS C 245 -14.65 30.55 -7.36
CA LYS C 245 -13.61 31.23 -8.14
C LYS C 245 -13.62 30.78 -9.62
N GLU C 246 -13.62 29.48 -9.85
CA GLU C 246 -13.60 28.97 -11.22
C GLU C 246 -14.80 29.42 -12.08
N ALA C 247 -15.97 29.57 -11.45
CA ALA C 247 -17.16 30.05 -12.14
C ALA C 247 -17.21 31.54 -12.50
N GLY C 248 -16.23 32.30 -12.07
CA GLY C 248 -16.15 33.68 -12.46
C GLY C 248 -16.52 34.67 -11.39
N TYR C 249 -16.18 34.38 -10.14
CA TYR C 249 -16.52 35.28 -9.05
C TYR C 249 -15.32 35.54 -8.20
N THR C 250 -15.36 36.62 -7.45
CA THR C 250 -14.39 36.83 -6.40
C THR C 250 -15.14 36.89 -5.05
N ILE C 251 -14.67 36.16 -4.06
CA ILE C 251 -15.30 36.14 -2.75
C ILE C 251 -14.91 37.35 -1.88
N GLU C 252 -15.93 38.13 -1.48
CA GLU C 252 -15.78 39.25 -0.55
C GLU C 252 -15.71 38.83 0.90
N TRP C 253 -16.66 37.98 1.32
N TRP C 253 -16.61 37.91 1.28
CA TRP C 253 -16.61 37.40 2.67
CA TRP C 253 -16.59 37.38 2.63
C TRP C 253 -17.11 35.96 2.71
C TRP C 253 -16.94 35.91 2.56
N PHE C 254 -16.44 35.16 3.55
CA PHE C 254 -16.68 33.75 3.61
C PHE C 254 -16.67 33.39 5.05
N GLU C 255 -17.76 32.82 5.51
CA GLU C 255 -17.75 32.33 6.88
C GLU C 255 -18.13 30.90 6.93
N VAL C 256 -17.64 30.23 7.96
CA VAL C 256 -17.96 28.87 8.24
C VAL C 256 -18.35 28.77 9.74
N ILE C 257 -19.31 27.90 10.05
CA ILE C 257 -19.76 27.66 11.43
C ILE C 257 -19.71 26.15 11.75
N SER C 258 -19.42 25.78 13.00
CA SER C 258 -19.45 24.37 13.39
C SER C 258 -20.86 23.79 13.51
N GLN C 259 -21.86 24.63 13.84
CA GLN C 259 -23.24 24.19 14.14
C GLN C 259 -23.86 23.30 13.07
N SER C 260 -24.31 22.13 13.50
CA SER C 260 -24.91 21.19 12.57
C SER C 260 -26.42 20.88 12.84
N TYR C 261 -27.06 20.16 11.92
CA TYR C 261 -28.39 19.63 12.14
C TYR C 261 -28.31 18.43 13.08
N SER C 262 -29.45 18.14 13.72
CA SER C 262 -29.65 16.84 14.38
C SER C 262 -29.09 15.73 13.54
N SER C 263 -28.40 14.85 14.23
CA SER C 263 -27.88 13.63 13.67
C SER C 263 -28.99 12.87 12.89
N THR C 264 -30.24 13.04 13.30
CA THR C 264 -31.41 12.43 12.62
C THR C 264 -31.93 13.15 11.35
N MET C 265 -31.61 14.44 11.17
CA MET C 265 -32.05 15.21 10.02
C MET C 265 -31.00 15.23 8.94
N ALA C 266 -29.76 15.52 9.31
CA ALA C 266 -28.66 15.58 8.33
C ALA C 266 -27.28 15.33 8.94
N ASN C 267 -26.39 14.83 8.09
CA ASN C 267 -25.07 14.51 8.53
C ASN C 267 -24.07 15.62 8.24
N ASN C 268 -24.47 16.88 8.29
CA ASN C 268 -23.55 17.96 7.96
C ASN C 268 -22.61 18.26 9.12
N GLU C 269 -21.45 18.83 8.79
CA GLU C 269 -20.49 19.40 9.75
C GLU C 269 -20.42 20.91 9.54
N GLY C 270 -21.45 21.64 9.97
CA GLY C 270 -21.40 23.07 9.83
C GLY C 270 -22.08 23.58 8.57
N LEU C 271 -22.00 24.89 8.38
CA LEU C 271 -22.59 25.57 7.24
C LEU C 271 -21.63 26.63 6.77
N PHE C 272 -21.79 27.04 5.53
CA PHE C 272 -21.05 28.18 5.09
C PHE C 272 -22.01 29.29 4.70
N SER C 273 -21.52 30.53 4.74
CA SER C 273 -22.10 31.66 4.03
C SER C 273 -21.02 32.40 3.27
N LEU C 274 -21.35 32.89 2.09
CA LEU C 274 -20.41 33.70 1.33
C LEU C 274 -21.12 34.77 0.55
N VAL C 275 -20.41 35.87 0.31
CA VAL C 275 -20.80 36.93 -0.61
C VAL C 275 -19.65 37.10 -1.61
N ALA C 276 -19.99 36.87 -2.87
CA ALA C 276 -19.06 36.91 -3.95
C ALA C 276 -19.49 38.04 -4.90
N ARG C 277 -18.59 38.49 -5.74
CA ARG C 277 -18.97 39.48 -6.76
C ARG C 277 -18.73 38.81 -8.10
N LYS C 278 -19.65 38.98 -9.04
CA LYS C 278 -19.39 38.56 -10.42
C LYS C 278 -18.23 39.36 -11.08
N LEU C 279 -17.18 38.68 -11.49
CA LEU C 279 -16.10 39.36 -12.22
C LEU C 279 -16.62 39.75 -13.60
N GLY D 23 26.01 -7.41 7.10
CA GLY D 23 26.89 -8.22 8.01
C GLY D 23 27.61 -9.26 7.18
N PHE D 24 27.05 -9.48 5.99
CA PHE D 24 27.52 -10.42 5.02
C PHE D 24 28.95 -10.13 4.54
N THR D 25 29.70 -11.17 4.20
CA THR D 25 31.07 -11.03 3.74
C THR D 25 31.18 -10.29 2.42
N SER D 26 31.92 -9.16 2.40
CA SER D 26 32.12 -8.38 1.19
C SER D 26 33.11 -9.06 0.27
N LYS D 27 33.00 -8.76 -1.01
CA LYS D 27 33.78 -9.45 -2.02
C LYS D 27 35.26 -9.02 -1.92
N ASP D 28 35.50 -7.91 -1.22
CA ASP D 28 36.85 -7.47 -0.92
C ASP D 28 37.41 -8.22 0.29
N THR D 29 36.55 -8.83 1.08
CA THR D 29 37.01 -9.64 2.19
C THR D 29 37.53 -10.96 1.60
N TYR D 30 37.01 -11.35 0.43
CA TYR D 30 37.59 -12.47 -0.31
C TYR D 30 38.98 -12.13 -0.84
N LEU D 31 39.16 -10.89 -1.26
CA LEU D 31 40.47 -10.43 -1.76
C LEU D 31 41.58 -10.54 -0.70
N SER D 32 41.22 -10.35 0.56
CA SER D 32 42.19 -10.31 1.67
C SER D 32 42.18 -11.53 2.59
N HIS D 33 40.99 -12.09 2.81
CA HIS D 33 40.85 -13.14 3.80
C HIS D 33 40.59 -14.53 3.24
N PHE D 34 40.32 -14.66 1.94
CA PHE D 34 40.15 -15.99 1.34
C PHE D 34 41.52 -16.50 0.87
N ASN D 35 42.05 -17.42 1.66
CA ASN D 35 43.27 -18.18 1.36
C ASN D 35 42.98 -19.46 0.61
N PRO D 36 43.25 -19.49 -0.73
CA PRO D 36 43.00 -20.65 -1.58
C PRO D 36 43.68 -21.97 -1.23
N ARG D 37 44.90 -21.96 -0.69
CA ARG D 37 45.56 -23.21 -0.24
C ARG D 37 44.77 -23.81 0.94
N ASP D 38 44.41 -22.97 1.90
CA ASP D 38 43.64 -23.43 3.05
C ASP D 38 42.22 -23.93 2.69
N TYR D 39 41.53 -23.22 1.78
CA TYR D 39 40.24 -23.67 1.20
C TYR D 39 40.39 -25.08 0.64
N LEU D 40 41.37 -25.27 -0.23
CA LEU D 40 41.65 -26.57 -0.83
C LEU D 40 41.90 -27.68 0.19
N GLU D 41 42.78 -27.40 1.15
CA GLU D 41 43.10 -28.38 2.18
C GLU D 41 41.85 -28.71 2.99
N LYS D 42 41.06 -27.71 3.34
CA LYS D 42 39.92 -27.95 4.24
C LYS D 42 38.77 -28.76 3.60
N TYR D 43 38.55 -28.57 2.30
CA TYR D 43 37.38 -29.12 1.60
C TYR D 43 37.71 -30.19 0.55
N TYR D 44 38.93 -30.11 0.02
CA TYR D 44 39.28 -30.86 -1.18
C TYR D 44 40.47 -31.79 -0.98
N SER D 51 34.98 -38.39 5.61
CA SER D 51 34.50 -37.10 6.09
C SER D 51 33.25 -36.70 5.33
N ALA D 52 32.48 -35.77 5.89
CA ALA D 52 31.27 -35.29 5.27
C ALA D 52 31.66 -34.50 4.01
N GLU D 53 32.84 -33.87 4.09
CA GLU D 53 33.40 -33.05 3.04
C GLU D 53 33.75 -33.91 1.85
N SER D 54 34.29 -35.10 2.09
CA SER D 54 34.56 -36.05 1.03
C SER D 54 33.28 -36.56 0.38
N GLN D 55 32.31 -36.95 1.22
CA GLN D 55 30.95 -37.34 0.81
C GLN D 55 30.25 -36.32 -0.11
N ILE D 56 30.24 -35.06 0.32
CA ILE D 56 29.87 -33.96 -0.53
C ILE D 56 30.67 -33.89 -1.84
N LEU D 57 31.99 -34.01 -1.79
CA LEU D 57 32.81 -33.94 -3.03
C LEU D 57 32.35 -35.01 -4.06
N LYS D 58 32.26 -36.24 -3.58
CA LYS D 58 31.85 -37.37 -4.40
C LYS D 58 30.48 -37.13 -5.05
N HIS D 59 29.48 -36.71 -4.25
CA HIS D 59 28.16 -36.29 -4.73
C HIS D 59 28.25 -35.20 -5.82
N LEU D 60 28.91 -34.09 -5.53
CA LEU D 60 29.22 -33.13 -6.61
C LEU D 60 29.78 -33.82 -7.85
N LEU D 61 30.77 -34.68 -7.64
CA LEU D 61 31.47 -35.33 -8.76
C LEU D 61 30.55 -36.25 -9.60
N LYS D 62 29.66 -37.02 -8.94
CA LYS D 62 28.67 -37.86 -9.65
C LYS D 62 27.61 -37.10 -10.43
N ASN D 63 27.11 -36.00 -9.86
CA ASN D 63 26.21 -35.08 -10.56
C ASN D 63 26.82 -34.44 -11.78
N LEU D 64 28.06 -33.97 -11.70
CA LEU D 64 28.73 -33.35 -12.87
C LEU D 64 28.89 -34.35 -14.01
N PHE D 65 29.44 -35.51 -13.70
CA PHE D 65 29.43 -36.68 -14.58
C PHE D 65 28.03 -36.95 -15.17
N LYS D 66 27.04 -37.11 -14.29
CA LYS D 66 25.65 -37.30 -14.74
C LYS D 66 25.25 -36.21 -15.74
N ILE D 67 25.51 -34.95 -15.36
CA ILE D 67 25.06 -33.80 -16.15
C ILE D 67 25.71 -33.70 -17.51
N PHE D 68 27.04 -33.81 -17.55
CA PHE D 68 27.78 -33.59 -18.79
C PHE D 68 27.95 -34.88 -19.60
N CYS D 69 27.99 -36.02 -18.91
CA CYS D 69 28.28 -37.26 -19.60
C CYS D 69 27.06 -38.11 -19.87
N LEU D 70 26.13 -38.18 -18.92
CA LEU D 70 24.97 -39.03 -19.06
C LEU D 70 23.87 -38.21 -19.72
N ASP D 71 23.59 -37.03 -19.19
CA ASP D 71 22.60 -36.19 -19.81
C ASP D 71 23.24 -35.48 -21.03
N GLY D 72 22.48 -34.68 -21.76
CA GLY D 72 23.01 -34.17 -23.01
C GLY D 72 23.50 -32.74 -22.94
N VAL D 73 24.21 -32.41 -21.85
CA VAL D 73 24.73 -31.08 -21.61
C VAL D 73 26.19 -30.99 -22.13
N LYS D 74 26.32 -30.38 -23.31
CA LYS D 74 27.49 -30.42 -24.16
C LYS D 74 27.44 -29.16 -25.03
N GLY D 75 28.59 -28.78 -25.60
CA GLY D 75 28.62 -27.64 -26.51
C GLY D 75 30.01 -27.14 -26.72
N ASP D 76 30.12 -25.93 -27.27
CA ASP D 76 31.41 -25.39 -27.67
C ASP D 76 32.07 -24.65 -26.52
N LEU D 77 31.33 -23.74 -25.90
CA LEU D 77 31.86 -22.93 -24.84
C LEU D 77 31.05 -23.13 -23.55
N LEU D 78 31.79 -23.39 -22.46
CA LEU D 78 31.27 -23.34 -21.10
C LEU D 78 32.11 -22.35 -20.28
N ILE D 79 31.46 -21.46 -19.53
CA ILE D 79 32.14 -20.58 -18.58
C ILE D 79 31.84 -21.10 -17.18
N ASP D 80 32.90 -21.36 -16.41
CA ASP D 80 32.77 -21.66 -15.02
C ASP D 80 32.82 -20.35 -14.22
N ILE D 81 31.73 -20.07 -13.51
CA ILE D 81 31.59 -18.90 -12.64
C ILE D 81 31.91 -19.13 -11.14
N GLY D 82 32.88 -18.37 -10.65
CA GLY D 82 33.27 -18.53 -9.25
C GLY D 82 34.17 -19.74 -9.05
N SER D 83 35.12 -19.91 -9.98
CA SER D 83 35.93 -21.15 -10.04
C SER D 83 36.74 -21.36 -8.79
N GLY D 84 37.27 -20.26 -8.23
CA GLY D 84 38.05 -20.36 -7.01
C GLY D 84 39.37 -21.01 -7.41
N PRO D 85 39.97 -21.81 -6.50
CA PRO D 85 41.22 -22.55 -6.69
C PRO D 85 40.93 -23.97 -7.17
N THR D 86 39.68 -24.25 -7.49
CA THR D 86 39.27 -25.64 -7.68
C THR D 86 39.06 -26.00 -9.14
N ILE D 87 39.36 -27.26 -9.49
CA ILE D 87 39.13 -27.72 -10.85
C ILE D 87 38.23 -28.93 -10.93
N TYR D 88 37.92 -29.56 -9.78
CA TYR D 88 37.13 -30.80 -9.78
C TYR D 88 35.87 -30.66 -10.68
N GLN D 89 35.32 -29.44 -10.65
CA GLN D 89 34.04 -29.18 -11.31
C GLN D 89 34.16 -29.08 -12.83
N LEU D 90 35.39 -29.23 -13.34
CA LEU D 90 35.59 -29.09 -14.78
C LEU D 90 35.95 -30.40 -15.45
N LEU D 91 36.16 -31.43 -14.63
CA LEU D 91 36.69 -32.74 -15.10
C LEU D 91 35.83 -33.50 -16.10
N SER D 92 34.54 -33.69 -15.79
CA SER D 92 33.55 -34.17 -16.79
C SER D 92 33.13 -33.14 -17.87
N ALA D 93 33.03 -31.85 -17.50
CA ALA D 93 32.67 -30.79 -18.44
C ALA D 93 33.60 -30.78 -19.66
N CYS D 94 34.90 -31.02 -19.43
CA CYS D 94 35.92 -30.97 -20.49
C CYS D 94 35.71 -32.04 -21.56
N GLU D 95 34.99 -33.10 -21.20
CA GLU D 95 34.56 -34.16 -22.12
C GLU D 95 33.46 -33.68 -23.06
N SER D 96 32.73 -32.65 -22.64
CA SER D 96 31.51 -32.24 -23.30
C SER D 96 31.61 -30.86 -23.92
N PHE D 97 32.59 -30.07 -23.47
CA PHE D 97 32.80 -28.72 -24.00
C PHE D 97 34.21 -28.54 -24.60
N LYS D 98 34.23 -28.15 -25.89
CA LYS D 98 35.45 -27.80 -26.60
C LYS D 98 36.29 -26.79 -25.80
N GLU D 99 35.66 -25.69 -25.37
CA GLU D 99 36.34 -24.58 -24.70
C GLU D 99 35.81 -24.26 -23.29
N ILE D 100 36.70 -24.12 -22.33
CA ILE D 100 36.31 -23.75 -20.98
C ILE D 100 36.99 -22.45 -20.59
N VAL D 101 36.17 -21.57 -20.00
CA VAL D 101 36.65 -20.36 -19.34
C VAL D 101 36.41 -20.48 -17.86
N VAL D 102 37.44 -20.20 -17.08
CA VAL D 102 37.34 -20.24 -15.62
C VAL D 102 37.47 -18.83 -15.07
N THR D 103 36.66 -18.50 -14.06
CA THR D 103 36.53 -17.11 -13.61
C THR D 103 36.31 -17.03 -12.10
N ASP D 104 36.72 -15.90 -11.52
CA ASP D 104 36.59 -15.67 -10.09
C ASP D 104 36.83 -14.21 -9.78
N TYR D 105 36.41 -13.80 -8.59
CA TYR D 105 36.60 -12.42 -8.22
C TYR D 105 37.99 -12.28 -7.63
N SER D 106 38.42 -13.32 -6.93
CA SER D 106 39.71 -13.31 -6.29
C SER D 106 40.85 -13.72 -7.24
N ASP D 107 41.74 -12.75 -7.51
CA ASP D 107 42.91 -12.94 -8.37
C ASP D 107 43.84 -13.96 -7.72
N GLN D 108 43.89 -14.02 -6.40
CA GLN D 108 44.71 -15.00 -5.73
C GLN D 108 44.20 -16.48 -5.80
N ASN D 109 42.91 -16.64 -6.09
CA ASN D 109 42.30 -17.93 -6.42
C ASN D 109 42.58 -18.30 -7.87
N LEU D 110 42.56 -17.32 -8.74
CA LEU D 110 42.85 -17.60 -10.12
C LEU D 110 44.35 -17.94 -10.27
N GLN D 111 45.16 -17.44 -9.34
CA GLN D 111 46.58 -17.83 -9.27
C GLN D 111 46.77 -19.28 -8.85
N GLU D 112 46.10 -19.68 -7.76
CA GLU D 112 46.14 -21.07 -7.30
C GLU D 112 45.61 -22.03 -8.35
N LEU D 113 44.52 -21.65 -9.02
CA LEU D 113 44.02 -22.45 -10.12
C LEU D 113 45.09 -22.59 -11.25
N GLU D 114 45.81 -21.50 -11.54
CA GLU D 114 46.80 -21.41 -12.63
C GLU D 114 48.07 -22.24 -12.33
N LYS D 115 48.43 -22.36 -11.06
CA LYS D 115 49.51 -23.27 -10.62
C LYS D 115 49.20 -24.68 -11.16
N TRP D 116 47.98 -25.14 -10.90
CA TRP D 116 47.55 -26.45 -11.33
C TRP D 116 47.53 -26.62 -12.87
N LEU D 117 47.09 -25.58 -13.58
CA LEU D 117 47.03 -25.61 -15.03
C LEU D 117 48.42 -25.71 -15.61
N LYS D 118 49.36 -24.95 -15.00
CA LYS D 118 50.79 -24.96 -15.35
C LYS D 118 51.53 -26.19 -14.82
N ALA D 119 50.82 -27.06 -14.12
CA ALA D 119 51.40 -28.25 -13.52
C ALA D 119 52.62 -27.94 -12.62
N ALA D 120 52.50 -26.90 -11.80
CA ALA D 120 53.56 -26.54 -10.85
C ALA D 120 53.71 -27.65 -9.81
N PRO D 121 54.94 -27.99 -9.41
CA PRO D 121 55.12 -29.09 -8.43
C PRO D 121 54.39 -28.97 -7.10
N ALA D 122 54.19 -27.74 -6.62
CA ALA D 122 53.47 -27.49 -5.36
C ALA D 122 51.94 -27.40 -5.55
N ALA D 123 51.46 -27.41 -6.79
CA ALA D 123 50.04 -27.23 -7.05
C ALA D 123 49.26 -28.27 -6.27
N PHE D 124 47.99 -28.00 -6.03
CA PHE D 124 47.19 -28.91 -5.20
C PHE D 124 47.10 -30.29 -5.87
N ASP D 125 47.14 -31.35 -5.08
CA ASP D 125 47.08 -32.68 -5.65
C ASP D 125 45.63 -33.15 -5.82
N TRP D 126 45.18 -33.04 -7.08
CA TRP D 126 43.82 -33.40 -7.48
C TRP D 126 43.77 -34.86 -7.93
N SER D 127 44.89 -35.57 -7.80
CA SER D 127 45.00 -36.98 -8.15
C SER D 127 43.82 -37.85 -7.82
N PRO D 128 43.47 -37.96 -6.54
CA PRO D 128 42.37 -38.84 -6.16
C PRO D 128 41.02 -38.43 -6.77
N VAL D 129 40.79 -37.12 -6.87
CA VAL D 129 39.60 -36.58 -7.53
C VAL D 129 39.60 -37.04 -8.97
N VAL D 130 40.73 -36.85 -9.65
CA VAL D 130 40.83 -37.17 -11.05
C VAL D 130 40.63 -38.65 -11.32
N THR D 131 41.24 -39.50 -10.51
CA THR D 131 41.01 -40.96 -10.58
C THR D 131 39.53 -41.33 -10.37
N TYR D 132 38.89 -40.67 -9.40
CA TYR D 132 37.48 -40.94 -9.14
C TYR D 132 36.67 -40.61 -10.40
N VAL D 133 37.04 -39.56 -11.11
CA VAL D 133 36.29 -39.12 -12.29
C VAL D 133 36.55 -40.02 -13.48
N CYS D 134 37.81 -40.41 -13.69
CA CYS D 134 38.09 -41.41 -14.74
C CYS D 134 37.32 -42.70 -14.46
N ASP D 135 37.18 -43.05 -13.19
CA ASP D 135 36.49 -44.27 -12.83
C ASP D 135 35.02 -44.18 -13.19
N LEU D 136 34.37 -43.04 -12.85
CA LEU D 136 32.95 -42.82 -13.14
C LEU D 136 32.75 -42.81 -14.66
N GLU D 137 33.77 -42.36 -15.39
CA GLU D 137 33.69 -42.28 -16.85
C GLU D 137 34.07 -43.57 -17.60
N GLY D 138 34.12 -44.67 -16.85
CA GLY D 138 34.30 -46.00 -17.44
C GLY D 138 35.74 -46.43 -17.65
N ASN D 139 36.64 -45.75 -16.97
CA ASN D 139 38.06 -45.96 -17.12
C ASN D 139 38.56 -45.95 -18.56
N ARG D 140 37.86 -45.19 -19.40
CA ARG D 140 38.30 -44.87 -20.75
C ARG D 140 39.72 -44.27 -20.81
N VAL D 141 40.11 -43.50 -19.79
CA VAL D 141 41.47 -42.89 -19.67
C VAL D 141 42.04 -42.92 -18.25
N LYS D 142 43.27 -42.43 -18.12
CA LYS D 142 43.95 -42.37 -16.83
C LYS D 142 44.24 -40.93 -16.44
N GLY D 143 44.23 -40.67 -15.13
CA GLY D 143 44.54 -39.35 -14.59
C GLY D 143 45.23 -38.44 -15.60
N PRO D 144 46.52 -38.70 -15.89
CA PRO D 144 47.36 -37.95 -16.85
C PRO D 144 46.68 -37.49 -18.15
N GLU D 145 45.97 -38.38 -18.83
CA GLU D 145 45.28 -38.02 -20.06
C GLU D 145 44.09 -37.08 -19.77
N LYS D 146 43.36 -37.38 -18.70
CA LYS D 146 42.29 -36.55 -18.19
C LYS D 146 42.76 -35.18 -17.75
N GLU D 147 43.77 -35.12 -16.87
CA GLU D 147 44.32 -33.83 -16.44
C GLU D 147 44.80 -32.98 -17.60
N GLU D 148 45.21 -33.63 -18.67
CA GLU D 148 45.75 -32.92 -19.82
C GLU D 148 44.66 -32.44 -20.77
N LYS D 149 43.59 -33.21 -20.87
CA LYS D 149 42.42 -32.80 -21.63
C LYS D 149 41.72 -31.61 -20.97
N LEU D 150 41.93 -31.44 -19.66
CA LEU D 150 41.35 -30.31 -18.98
C LEU D 150 42.25 -29.11 -19.19
N ARG D 151 43.54 -29.29 -18.93
CA ARG D 151 44.53 -28.24 -19.08
C ARG D 151 44.40 -27.56 -20.45
N GLN D 152 43.97 -28.33 -21.43
CA GLN D 152 43.83 -27.88 -22.82
C GLN D 152 42.47 -27.25 -23.12
N ALA D 153 41.47 -27.66 -22.37
CA ALA D 153 40.13 -27.14 -22.54
C ALA D 153 40.09 -25.68 -22.05
N VAL D 154 40.73 -25.41 -20.92
CA VAL D 154 40.72 -24.10 -20.27
C VAL D 154 41.53 -23.09 -21.11
N LYS D 155 40.80 -22.24 -21.82
CA LYS D 155 41.39 -21.28 -22.76
C LYS D 155 41.68 -19.96 -22.07
N GLN D 156 40.90 -19.60 -21.05
CA GLN D 156 41.09 -18.33 -20.34
C GLN D 156 40.86 -18.40 -18.85
N VAL D 157 41.56 -17.53 -18.11
CA VAL D 157 41.40 -17.38 -16.67
C VAL D 157 41.00 -15.92 -16.41
N LEU D 158 39.73 -15.68 -16.08
CA LEU D 158 39.19 -14.30 -16.08
C LEU D 158 38.62 -13.84 -14.75
N LYS D 159 38.87 -12.59 -14.42
CA LYS D 159 38.29 -11.95 -13.25
C LYS D 159 36.80 -11.89 -13.50
N CYS D 160 36.03 -12.13 -12.43
CA CYS D 160 34.59 -12.21 -12.53
C CYS D 160 33.95 -11.51 -11.35
N ASP D 161 32.82 -10.89 -11.57
CA ASP D 161 31.96 -10.45 -10.47
C ASP D 161 30.52 -10.73 -10.85
N VAL D 162 29.88 -11.68 -10.19
CA VAL D 162 28.56 -12.15 -10.63
C VAL D 162 27.49 -11.08 -10.42
N THR D 163 27.87 -10.05 -9.65
CA THR D 163 26.93 -9.00 -9.22
C THR D 163 26.83 -7.86 -10.22
N GLN D 164 27.74 -7.79 -11.18
CA GLN D 164 27.73 -6.75 -12.22
C GLN D 164 27.01 -7.28 -13.44
N SER D 165 26.16 -6.44 -14.02
CA SER D 165 25.47 -6.74 -15.30
C SER D 165 26.40 -7.28 -16.43
N GLN D 166 27.69 -6.94 -16.39
CA GLN D 166 28.67 -7.67 -17.20
C GLN D 166 29.64 -8.25 -16.23
N PRO D 167 29.46 -9.57 -15.84
CA PRO D 167 30.30 -10.20 -14.84
C PRO D 167 31.77 -10.25 -15.22
N LEU D 168 32.08 -10.25 -16.51
CA LEU D 168 33.49 -10.29 -16.94
C LEU D 168 34.01 -8.91 -17.40
N GLY D 169 33.28 -7.86 -17.00
CA GLY D 169 33.59 -6.49 -17.40
C GLY D 169 33.76 -6.33 -18.90
N ALA D 170 34.92 -5.79 -19.27
CA ALA D 170 35.24 -5.42 -20.67
C ALA D 170 35.61 -6.60 -21.61
N VAL D 171 35.80 -7.80 -21.03
CA VAL D 171 36.32 -8.96 -21.79
C VAL D 171 35.25 -9.58 -22.67
N PRO D 172 35.43 -9.54 -24.01
CA PRO D 172 34.42 -10.16 -24.83
C PRO D 172 34.65 -11.65 -25.06
N LEU D 173 33.55 -12.40 -25.04
CA LEU D 173 33.52 -13.83 -25.37
C LEU D 173 32.25 -14.05 -26.16
N PRO D 174 32.25 -15.00 -27.12
CA PRO D 174 31.01 -15.36 -27.85
C PRO D 174 29.95 -15.92 -26.90
N PRO D 175 28.66 -15.87 -27.28
CA PRO D 175 27.63 -16.42 -26.40
C PRO D 175 27.95 -17.86 -25.99
N ALA D 176 27.84 -18.22 -24.70
CA ALA D 176 28.15 -19.59 -24.29
C ALA D 176 26.94 -20.59 -24.37
N ASP D 177 27.28 -21.87 -24.48
CA ASP D 177 26.35 -23.02 -24.48
C ASP D 177 26.02 -23.41 -23.04
N CYS D 178 26.94 -23.16 -22.13
CA CYS D 178 26.74 -23.45 -20.74
C CYS D 178 27.47 -22.49 -19.81
N VAL D 179 26.77 -22.07 -18.74
CA VAL D 179 27.40 -21.39 -17.63
C VAL D 179 27.30 -22.29 -16.42
N LEU D 180 28.43 -22.52 -15.76
CA LEU D 180 28.44 -23.40 -14.60
C LEU D 180 28.90 -22.61 -13.37
N SER D 181 28.32 -22.88 -12.22
CA SER D 181 28.76 -22.23 -10.97
C SER D 181 28.56 -23.20 -9.82
N THR D 182 29.63 -23.55 -9.13
CA THR D 182 29.56 -24.45 -8.00
C THR D 182 30.03 -23.72 -6.73
N LEU D 183 29.19 -23.75 -5.70
CA LEU D 183 29.50 -23.22 -4.35
C LEU D 183 29.88 -21.74 -4.28
N CYS D 184 29.38 -20.97 -5.25
CA CYS D 184 29.72 -19.54 -5.45
C CYS D 184 28.54 -18.64 -5.16
N LEU D 185 27.36 -18.87 -5.77
CA LEU D 185 26.23 -17.94 -5.66
C LEU D 185 25.74 -17.72 -4.23
N ASP D 186 25.56 -18.78 -3.45
CA ASP D 186 25.23 -18.62 -2.04
C ASP D 186 26.18 -17.67 -1.33
N ALA D 187 27.46 -17.71 -1.72
CA ALA D 187 28.53 -16.95 -1.08
C ALA D 187 28.65 -15.47 -1.59
N ALA D 188 28.32 -15.26 -2.86
CA ALA D 188 28.52 -13.99 -3.55
C ALA D 188 27.34 -13.04 -3.35
N CYS D 189 26.21 -13.57 -2.88
CA CYS D 189 24.95 -12.82 -2.80
C CYS D 189 24.48 -12.77 -1.32
N PRO D 190 24.41 -11.55 -0.70
CA PRO D 190 23.91 -11.33 0.71
C PRO D 190 22.41 -11.43 0.87
N ASP D 191 21.71 -11.64 -0.24
CA ASP D 191 20.24 -11.68 -0.23
C ASP D 191 19.69 -12.27 -1.51
N LEU D 192 18.42 -12.71 -1.46
CA LEU D 192 17.73 -13.23 -2.61
C LEU D 192 17.67 -12.34 -3.89
N PRO D 193 17.27 -11.03 -3.75
CA PRO D 193 17.29 -10.23 -4.99
C PRO D 193 18.68 -10.19 -5.64
N THR D 194 19.75 -10.04 -4.84
CA THR D 194 21.13 -10.05 -5.40
C THR D 194 21.37 -11.36 -6.15
N TYR D 195 20.96 -12.48 -5.54
CA TYR D 195 21.05 -13.83 -6.08
C TYR D 195 20.33 -13.92 -7.45
N CYS D 196 19.16 -13.31 -7.51
CA CYS D 196 18.34 -13.28 -8.70
C CYS D 196 19.05 -12.43 -9.76
N ARG D 197 19.53 -11.26 -9.37
CA ARG D 197 20.29 -10.34 -10.23
C ARG D 197 21.50 -11.03 -10.83
N ALA D 198 22.27 -11.77 -10.01
CA ALA D 198 23.40 -12.57 -10.42
C ALA D 198 23.17 -13.54 -11.55
N LEU D 199 22.00 -14.18 -11.53
CA LEU D 199 21.59 -15.28 -12.40
C LEU D 199 21.22 -14.70 -13.78
N ARG D 200 20.53 -13.55 -13.74
CA ARG D 200 20.40 -12.68 -14.95
C ARG D 200 21.75 -12.22 -15.52
N ASN D 201 22.60 -11.68 -14.65
CA ASN D 201 23.96 -11.32 -15.05
C ASN D 201 24.71 -12.47 -15.77
N LEU D 202 24.69 -13.68 -15.19
CA LEU D 202 25.27 -14.88 -15.81
C LEU D 202 24.60 -15.21 -17.14
N GLY D 203 23.29 -15.00 -17.22
CA GLY D 203 22.58 -15.33 -18.45
C GLY D 203 22.95 -14.41 -19.61
N SER D 204 23.49 -13.22 -19.32
CA SER D 204 24.03 -12.36 -20.39
C SER D 204 25.23 -13.05 -21.04
N LEU D 205 25.71 -14.09 -20.37
CA LEU D 205 26.84 -14.83 -20.92
C LEU D 205 26.37 -15.97 -21.82
N LEU D 206 25.06 -16.23 -21.83
CA LEU D 206 24.47 -17.47 -22.32
C LEU D 206 23.67 -17.26 -23.60
N LYS D 207 23.71 -18.25 -24.50
CA LYS D 207 22.85 -18.27 -25.67
C LYS D 207 21.43 -18.51 -25.19
N PRO D 208 20.44 -17.98 -25.93
CA PRO D 208 19.06 -18.33 -25.62
C PRO D 208 19.00 -19.81 -25.75
N GLY D 209 18.48 -20.49 -24.75
CA GLY D 209 18.36 -21.94 -24.79
C GLY D 209 19.61 -22.64 -24.28
N GLY D 210 20.59 -21.87 -23.81
CA GLY D 210 21.83 -22.38 -23.24
C GLY D 210 21.65 -22.79 -21.79
N PHE D 211 22.52 -23.70 -21.31
CA PHE D 211 22.39 -24.33 -20.00
C PHE D 211 22.99 -23.56 -18.85
N LEU D 212 22.24 -23.56 -17.78
CA LEU D 212 22.73 -22.99 -16.56
C LEU D 212 22.82 -24.17 -15.64
N VAL D 213 23.97 -24.35 -15.02
CA VAL D 213 24.19 -25.47 -14.11
C VAL D 213 24.71 -24.92 -12.78
N ILE D 214 23.94 -25.07 -11.70
CA ILE D 214 24.30 -24.53 -10.40
C ILE D 214 24.26 -25.68 -9.40
N MET D 215 25.19 -25.67 -8.46
CA MET D 215 25.23 -26.63 -7.37
C MET D 215 25.68 -25.81 -6.20
N ASP D 216 24.88 -25.82 -5.14
CA ASP D 216 25.21 -25.02 -3.99
C ASP D 216 24.53 -25.60 -2.77
N ALA D 217 24.87 -25.01 -1.62
CA ALA D 217 24.35 -25.49 -0.30
C ALA D 217 22.92 -25.01 -0.06
N LEU D 218 22.19 -25.77 0.77
CA LEU D 218 20.89 -25.28 1.17
C LEU D 218 20.86 -24.88 2.64
N LYS D 219 20.20 -23.75 2.91
CA LYS D 219 19.98 -23.25 4.28
C LYS D 219 21.26 -23.10 5.12
N SER D 220 22.34 -22.72 4.43
CA SER D 220 23.60 -22.41 5.04
C SER D 220 23.83 -20.90 5.20
N SER D 221 24.25 -20.49 6.37
CA SER D 221 24.58 -19.08 6.61
C SER D 221 26.10 -18.83 6.70
N TYR D 222 26.88 -19.90 6.78
CA TYR D 222 28.34 -19.71 6.78
C TYR D 222 29.01 -20.99 6.36
N TYR D 223 30.29 -20.86 6.02
CA TYR D 223 31.17 -22.00 5.95
C TYR D 223 32.56 -21.53 6.41
N MET D 224 33.36 -22.46 6.94
CA MET D 224 34.58 -22.09 7.63
C MET D 224 35.80 -22.38 6.79
N ILE D 225 36.71 -21.42 6.69
CA ILE D 225 38.08 -21.73 6.29
C ILE D 225 39.03 -21.52 7.49
N GLY D 226 39.26 -22.60 8.23
CA GLY D 226 39.98 -22.54 9.48
C GLY D 226 39.13 -21.78 10.47
N GLU D 227 39.71 -20.69 10.98
CA GLU D 227 39.04 -19.82 11.94
C GLU D 227 38.27 -18.72 11.22
N GLN D 228 38.59 -18.51 9.93
CA GLN D 228 37.85 -17.60 9.06
C GLN D 228 36.45 -18.11 8.75
N LYS D 229 35.45 -17.29 9.09
CA LYS D 229 34.05 -17.58 8.83
C LYS D 229 33.58 -16.76 7.64
N PHE D 230 33.22 -17.42 6.56
CA PHE D 230 32.71 -16.71 5.40
C PHE D 230 31.21 -16.87 5.36
N SER D 231 30.52 -15.87 4.81
CA SER D 231 29.05 -15.88 4.76
C SER D 231 28.45 -16.74 3.63
N SER D 232 27.19 -17.11 3.80
CA SER D 232 26.45 -17.80 2.78
C SER D 232 24.97 -17.37 2.92
N LEU D 233 24.24 -17.45 1.82
CA LEU D 233 22.86 -17.00 1.83
C LEU D 233 22.08 -18.26 2.15
N PRO D 234 21.44 -18.31 3.33
CA PRO D 234 20.71 -19.55 3.74
C PRO D 234 19.39 -19.74 3.02
N LEU D 235 19.40 -19.77 1.69
CA LEU D 235 18.15 -20.02 0.97
C LEU D 235 17.77 -21.51 0.94
N GLY D 236 16.46 -21.77 0.96
CA GLY D 236 15.91 -23.09 0.73
C GLY D 236 15.56 -23.33 -0.72
N ARG D 237 15.17 -24.56 -1.02
CA ARG D 237 14.94 -24.92 -2.40
C ARG D 237 13.92 -24.07 -3.17
N GLU D 238 12.84 -23.63 -2.52
CA GLU D 238 11.85 -22.80 -3.16
C GLU D 238 12.36 -21.43 -3.58
N ALA D 239 13.15 -20.79 -2.72
CA ALA D 239 13.81 -19.55 -3.06
C ALA D 239 14.77 -19.70 -4.25
N VAL D 240 15.51 -20.82 -4.34
CA VAL D 240 16.38 -21.04 -5.52
C VAL D 240 15.58 -21.05 -6.81
N GLU D 241 14.52 -21.85 -6.78
CA GLU D 241 13.60 -22.06 -7.90
C GLU D 241 13.01 -20.73 -8.37
N ALA D 242 12.48 -19.96 -7.42
CA ALA D 242 11.96 -18.60 -7.69
C ALA D 242 13.02 -17.63 -8.26
N ALA D 243 14.20 -17.56 -7.63
CA ALA D 243 15.28 -16.69 -8.15
C ALA D 243 15.58 -17.12 -9.58
N VAL D 244 15.62 -18.43 -9.82
CA VAL D 244 16.05 -18.96 -11.12
C VAL D 244 15.03 -18.56 -12.21
N LYS D 245 13.75 -18.77 -11.95
CA LYS D 245 12.70 -18.55 -12.95
C LYS D 245 12.61 -17.06 -13.24
N GLU D 246 12.40 -16.27 -12.18
CA GLU D 246 12.44 -14.82 -12.30
C GLU D 246 13.63 -14.30 -13.13
N ALA D 247 14.80 -14.92 -13.04
CA ALA D 247 15.95 -14.40 -13.78
C ALA D 247 15.91 -14.75 -15.27
N GLY D 248 14.82 -15.37 -15.72
CA GLY D 248 14.60 -15.76 -17.12
C GLY D 248 15.07 -17.14 -17.48
N TYR D 249 14.88 -18.11 -16.59
CA TYR D 249 15.26 -19.47 -16.94
C TYR D 249 14.13 -20.41 -16.69
N THR D 250 14.15 -21.53 -17.41
CA THR D 250 13.27 -22.67 -17.15
C THR D 250 14.09 -23.87 -16.60
N ILE D 251 13.59 -24.46 -15.54
CA ILE D 251 14.31 -25.55 -14.89
C ILE D 251 13.99 -26.90 -15.49
N GLU D 252 15.02 -27.53 -16.06
CA GLU D 252 14.96 -28.90 -16.58
C GLU D 252 15.04 -29.96 -15.48
N TRP D 253 16.00 -29.83 -14.57
N TRP D 253 15.93 -29.75 -14.52
CA TRP D 253 15.98 -30.71 -13.38
CA TRP D 253 16.05 -30.73 -13.43
C TRP D 253 16.56 -30.10 -12.12
C TRP D 253 16.51 -30.06 -12.14
N PHE D 254 16.05 -30.57 -11.00
CA PHE D 254 16.39 -30.01 -9.72
C PHE D 254 16.50 -31.16 -8.74
N GLU D 255 17.64 -31.21 -8.06
CA GLU D 255 17.91 -32.24 -7.11
C GLU D 255 18.24 -31.67 -5.76
N VAL D 256 17.78 -32.34 -4.72
CA VAL D 256 18.22 -31.97 -3.38
C VAL D 256 18.70 -33.23 -2.67
N ILE D 257 19.79 -33.12 -1.91
CA ILE D 257 20.29 -34.20 -1.10
C ILE D 257 20.27 -33.81 0.38
N SER D 258 20.15 -34.75 1.32
CA SER D 258 20.24 -34.38 2.74
C SER D 258 21.69 -34.19 3.20
N GLN D 259 22.65 -34.87 2.55
CA GLN D 259 24.04 -34.76 2.95
C GLN D 259 24.47 -33.32 3.24
N SER D 260 25.01 -33.12 4.43
CA SER D 260 25.62 -31.87 4.80
C SER D 260 27.13 -31.98 5.09
N TYR D 261 27.79 -30.83 5.15
CA TYR D 261 29.20 -30.68 5.58
C TYR D 261 29.28 -30.97 7.08
N SER D 262 30.48 -31.21 7.63
CA SER D 262 30.61 -31.38 9.10
C SER D 262 30.08 -30.14 9.81
N SER D 263 29.48 -30.33 10.98
CA SER D 263 28.86 -29.22 11.71
C SER D 263 29.87 -28.10 12.05
N THR D 264 31.16 -28.45 12.06
CA THR D 264 32.26 -27.49 12.32
C THR D 264 32.78 -26.79 11.05
N MET D 265 32.24 -27.19 9.89
CA MET D 265 32.66 -26.67 8.59
C MET D 265 31.58 -25.75 8.13
N ALA D 266 30.33 -26.23 8.12
CA ALA D 266 29.22 -25.39 7.72
C ALA D 266 27.91 -25.83 8.33
N ASN D 267 26.98 -24.90 8.47
CA ASN D 267 25.66 -25.22 8.93
C ASN D 267 24.60 -25.52 7.83
N ASN D 268 24.99 -26.05 6.68
CA ASN D 268 24.01 -26.39 5.62
C ASN D 268 23.12 -27.62 5.94
N GLU D 269 21.89 -27.61 5.39
CA GLU D 269 21.02 -28.76 5.40
C GLU D 269 20.96 -29.30 4.00
N GLY D 270 22.10 -29.84 3.54
CA GLY D 270 22.19 -30.36 2.21
C GLY D 270 22.59 -29.36 1.13
N LEU D 271 22.38 -29.79 -0.08
CA LEU D 271 22.88 -29.15 -1.28
C LEU D 271 21.83 -29.38 -2.37
N PHE D 272 21.84 -28.53 -3.38
CA PHE D 272 20.95 -28.70 -4.48
C PHE D 272 21.81 -28.71 -5.73
N SER D 273 21.31 -29.33 -6.82
CA SER D 273 21.85 -29.18 -8.16
C SER D 273 20.69 -28.94 -9.11
N LEU D 274 20.91 -28.05 -10.06
CA LEU D 274 19.95 -27.80 -11.11
C LEU D 274 20.56 -27.57 -12.45
N VAL D 275 19.81 -27.97 -13.46
CA VAL D 275 20.08 -27.61 -14.85
C VAL D 275 18.88 -26.85 -15.36
N ALA D 276 19.17 -25.64 -15.84
CA ALA D 276 18.15 -24.74 -16.26
C ALA D 276 18.47 -24.31 -17.67
N ARG D 277 17.42 -23.90 -18.37
CA ARG D 277 17.61 -23.41 -19.75
C ARG D 277 17.25 -21.95 -19.80
N LYS D 278 18.07 -21.18 -20.50
CA LYS D 278 17.78 -19.78 -20.64
C LYS D 278 16.66 -19.56 -21.62
N LEU D 279 15.62 -18.86 -21.19
CA LEU D 279 14.43 -18.72 -22.03
C LEU D 279 14.80 -17.74 -23.13
#